data_1F43
#
_entry.id   1F43
#
_cell.length_a   1.000
_cell.length_b   1.000
_cell.length_c   1.000
_cell.angle_alpha   90.00
_cell.angle_beta   90.00
_cell.angle_gamma   90.00
#
_symmetry.space_group_name_H-M   'P 1'
#
_entity_poly.entity_id   1
_entity_poly.type   'polypeptide(L)'
_entity_poly.pdbx_seq_one_letter_code
;KKEKSPKGKSSISPQARAFLEQVFRRKQSLNSKEKEEVAKKCGITPLQVRVWFINKRMRSK
;
_entity_poly.pdbx_strand_id   A
#
# COMPACT_ATOMS: atom_id res chain seq x y z
N LYS A 1 -4.29 -6.99 -13.54
CA LYS A 1 -5.17 -8.15 -13.82
C LYS A 1 -5.95 -8.57 -12.57
N LYS A 2 -5.24 -8.69 -11.45
CA LYS A 2 -5.86 -9.08 -10.19
C LYS A 2 -6.49 -10.47 -10.30
N GLU A 3 -5.83 -11.46 -9.72
CA GLU A 3 -6.32 -12.83 -9.74
C GLU A 3 -7.07 -13.17 -8.46
N LYS A 4 -6.33 -13.36 -7.37
CA LYS A 4 -6.93 -13.68 -6.09
C LYS A 4 -5.92 -13.50 -4.96
N SER A 5 -6.07 -12.41 -4.22
CA SER A 5 -5.16 -12.11 -3.10
C SER A 5 -5.78 -11.08 -2.18
N PRO A 6 -6.52 -11.53 -1.15
CA PRO A 6 -7.17 -10.62 -0.18
C PRO A 6 -6.16 -9.91 0.71
N LYS A 7 -5.20 -10.68 1.24
CA LYS A 7 -4.17 -10.12 2.10
C LYS A 7 -4.79 -9.37 3.28
N GLY A 8 -5.95 -9.83 3.72
CA GLY A 8 -6.64 -9.18 4.83
C GLY A 8 -6.77 -10.10 6.03
N LYS A 9 -5.72 -10.18 6.84
CA LYS A 9 -5.72 -11.02 8.02
C LYS A 9 -4.90 -10.40 9.14
N SER A 10 -5.56 -9.65 10.00
CA SER A 10 -4.90 -8.99 11.13
C SER A 10 -3.90 -7.94 10.64
N SER A 11 -2.73 -8.39 10.19
CA SER A 11 -1.70 -7.50 9.70
C SER A 11 -0.64 -8.25 8.90
N ILE A 12 0.35 -7.52 8.40
CA ILE A 12 1.43 -8.12 7.63
C ILE A 12 2.75 -8.05 8.38
N SER A 13 3.75 -8.77 7.89
CA SER A 13 5.07 -8.78 8.50
C SER A 13 5.59 -7.34 8.65
N PRO A 14 6.83 -7.14 9.15
CA PRO A 14 7.39 -5.79 9.29
C PRO A 14 7.28 -5.02 7.97
N GLN A 15 7.17 -5.77 6.88
CA GLN A 15 7.04 -5.19 5.55
C GLN A 15 5.95 -4.13 5.53
N ALA A 16 4.99 -4.23 6.44
CA ALA A 16 3.91 -3.24 6.51
C ALA A 16 4.49 -1.83 6.39
N ARG A 17 5.41 -1.53 7.29
CA ARG A 17 6.07 -0.22 7.30
C ARG A 17 7.21 -0.19 6.29
N ALA A 18 7.90 -1.33 6.14
CA ALA A 18 9.02 -1.43 5.21
C ALA A 18 8.57 -1.28 3.77
N PHE A 19 7.62 -2.12 3.35
CA PHE A 19 7.10 -2.08 2.00
C PHE A 19 6.59 -0.68 1.70
N LEU A 20 5.73 -0.17 2.58
CA LEU A 20 5.18 1.16 2.40
C LEU A 20 6.30 2.19 2.49
N GLU A 21 7.29 1.92 3.33
CA GLU A 21 8.42 2.82 3.51
C GLU A 21 9.04 3.16 2.16
N GLN A 22 9.59 2.14 1.51
CA GLN A 22 10.22 2.32 0.20
C GLN A 22 9.20 2.83 -0.82
N VAL A 23 7.94 2.42 -0.66
CA VAL A 23 6.89 2.86 -1.57
C VAL A 23 6.78 4.38 -1.55
N PHE A 24 6.35 4.92 -0.41
CA PHE A 24 6.22 6.37 -0.24
C PHE A 24 7.58 7.05 -0.42
N ARG A 25 8.67 6.28 -0.31
CA ARG A 25 10.01 6.84 -0.46
C ARG A 25 10.33 7.09 -1.92
N ARG A 26 9.87 6.19 -2.79
CA ARG A 26 10.11 6.31 -4.22
C ARG A 26 9.51 7.61 -4.75
N LYS A 27 8.35 7.96 -4.22
CA LYS A 27 7.66 9.17 -4.64
C LYS A 27 6.47 9.47 -3.72
N GLN A 28 5.42 10.06 -4.26
CA GLN A 28 4.24 10.39 -3.47
C GLN A 28 2.96 10.14 -4.26
N SER A 29 2.91 10.69 -5.46
CA SER A 29 1.74 10.55 -6.32
C SER A 29 1.68 9.19 -7.01
N LEU A 30 1.41 8.15 -6.23
CA LEU A 30 1.30 6.80 -6.80
C LEU A 30 -0.01 6.67 -7.57
N ASN A 31 0.08 6.65 -8.90
CA ASN A 31 -1.11 6.54 -9.74
C ASN A 31 -1.50 5.08 -9.99
N SER A 32 -2.59 4.88 -10.72
CA SER A 32 -3.09 3.53 -11.03
C SER A 32 -1.96 2.64 -11.53
N LYS A 33 -0.97 3.23 -12.18
CA LYS A 33 0.16 2.48 -12.71
C LYS A 33 1.14 2.12 -11.60
N GLU A 34 1.47 3.10 -10.77
CA GLU A 34 2.38 2.88 -9.68
C GLU A 34 1.69 2.08 -8.59
N LYS A 35 0.41 2.32 -8.40
CA LYS A 35 -0.35 1.60 -7.40
C LYS A 35 -0.36 0.10 -7.73
N GLU A 36 -0.36 -0.20 -9.02
CA GLU A 36 -0.35 -1.58 -9.48
C GLU A 36 1.08 -2.08 -9.67
N GLU A 37 1.95 -1.18 -10.12
CA GLU A 37 3.35 -1.50 -10.35
C GLU A 37 4.10 -1.59 -9.02
N VAL A 38 3.70 -0.73 -8.09
CA VAL A 38 4.30 -0.69 -6.76
C VAL A 38 3.75 -1.81 -5.89
N ALA A 39 2.45 -2.09 -6.05
CA ALA A 39 1.80 -3.14 -5.27
C ALA A 39 2.36 -4.52 -5.60
N LYS A 40 2.81 -4.71 -6.84
CA LYS A 40 3.34 -6.00 -7.26
C LYS A 40 4.83 -6.15 -6.96
N LYS A 41 5.53 -5.03 -6.77
CA LYS A 41 6.95 -5.08 -6.49
C LYS A 41 7.24 -4.82 -5.01
N CYS A 42 6.36 -4.05 -4.36
CA CYS A 42 6.53 -3.73 -2.96
C CYS A 42 5.79 -4.71 -2.06
N GLY A 43 4.72 -5.30 -2.59
CA GLY A 43 3.95 -6.28 -1.82
C GLY A 43 2.57 -5.80 -1.46
N ILE A 44 2.03 -4.87 -2.25
CA ILE A 44 0.70 -4.36 -2.01
C ILE A 44 -0.25 -4.84 -3.10
N THR A 45 -1.41 -4.21 -3.23
CA THR A 45 -2.38 -4.61 -4.25
C THR A 45 -3.22 -3.42 -4.71
N PRO A 46 -3.78 -3.50 -5.92
CA PRO A 46 -4.61 -2.42 -6.47
C PRO A 46 -5.69 -1.97 -5.50
N LEU A 47 -6.08 -2.86 -4.59
CA LEU A 47 -7.10 -2.56 -3.60
C LEU A 47 -6.46 -1.95 -2.34
N GLN A 48 -5.21 -2.32 -2.09
CA GLN A 48 -4.49 -1.82 -0.93
C GLN A 48 -3.91 -0.46 -1.24
N VAL A 49 -3.08 -0.39 -2.27
CA VAL A 49 -2.45 0.85 -2.70
C VAL A 49 -3.38 2.05 -2.55
N ARG A 50 -4.68 1.83 -2.72
CA ARG A 50 -5.64 2.91 -2.59
C ARG A 50 -6.00 3.14 -1.12
N VAL A 51 -6.55 2.11 -0.47
CA VAL A 51 -6.93 2.21 0.93
C VAL A 51 -5.70 2.34 1.83
N TRP A 52 -4.70 1.52 1.55
CA TRP A 52 -3.47 1.50 2.32
C TRP A 52 -2.77 2.85 2.23
N PHE A 53 -2.55 3.35 1.02
CA PHE A 53 -1.90 4.64 0.84
C PHE A 53 -2.75 5.76 1.40
N ILE A 54 -4.08 5.56 1.42
CA ILE A 54 -4.99 6.58 1.93
C ILE A 54 -4.59 7.00 3.35
N ASN A 55 -4.42 6.01 4.22
CA ASN A 55 -4.03 6.27 5.61
C ASN A 55 -2.52 6.51 5.70
N LYS A 56 -1.77 5.88 4.82
CA LYS A 56 -0.32 6.02 4.79
C LYS A 56 0.11 7.11 3.80
N ARG A 57 -0.83 7.97 3.43
CA ARG A 57 -0.55 9.04 2.48
C ARG A 57 -1.80 9.89 2.23
N MET A 58 -2.63 10.05 3.26
CA MET A 58 -3.84 10.84 3.14
C MET A 58 -3.54 12.23 2.58
N ARG A 59 -3.52 12.35 1.26
CA ARG A 59 -3.24 13.62 0.61
C ARG A 59 -4.47 14.52 0.60
N SER A 60 -5.55 14.05 -0.03
CA SER A 60 -6.78 14.81 -0.11
C SER A 60 -7.90 14.12 0.66
N LYS A 61 -8.36 12.99 0.14
CA LYS A 61 -9.43 12.23 0.78
C LYS A 61 -8.88 10.96 1.45
N LYS A 1 8.96 -20.13 12.91
CA LYS A 1 9.33 -19.19 14.00
C LYS A 1 8.79 -17.80 13.73
N LYS A 2 7.57 -17.74 13.20
CA LYS A 2 6.93 -16.46 12.90
C LYS A 2 5.77 -16.18 13.85
N GLU A 3 5.57 -14.92 14.18
CA GLU A 3 4.49 -14.53 15.08
C GLU A 3 3.16 -14.47 14.34
N LYS A 4 2.09 -14.19 15.08
CA LYS A 4 0.76 -14.11 14.48
C LYS A 4 0.58 -12.81 13.72
N SER A 5 -0.47 -12.75 12.90
CA SER A 5 -0.76 -11.56 12.10
C SER A 5 -2.07 -11.72 11.35
N PRO A 6 -2.16 -12.72 10.45
CA PRO A 6 -3.37 -12.97 9.68
C PRO A 6 -4.47 -13.63 10.51
N LYS A 7 -4.89 -12.95 11.57
CA LYS A 7 -5.92 -13.47 12.46
C LYS A 7 -7.02 -12.44 12.68
N GLY A 8 -8.17 -12.66 12.06
CA GLY A 8 -9.28 -11.74 12.21
C GLY A 8 -8.92 -10.32 11.83
N LYS A 9 -8.00 -10.17 10.90
CA LYS A 9 -7.56 -8.85 10.46
C LYS A 9 -6.54 -8.97 9.33
N SER A 10 -6.49 -7.96 8.46
CA SER A 10 -5.55 -7.95 7.35
C SER A 10 -4.12 -7.83 7.85
N SER A 11 -3.71 -6.59 8.15
CA SER A 11 -2.35 -6.34 8.65
C SER A 11 -1.31 -7.05 7.79
N ILE A 12 -0.08 -7.11 8.29
CA ILE A 12 1.00 -7.77 7.56
C ILE A 12 2.29 -7.75 8.37
N SER A 13 3.26 -8.53 7.92
CA SER A 13 4.57 -8.61 8.58
C SER A 13 5.17 -7.21 8.70
N PRO A 14 6.41 -7.07 9.23
CA PRO A 14 7.05 -5.76 9.36
C PRO A 14 7.01 -5.00 8.04
N GLN A 15 6.90 -5.76 6.95
CA GLN A 15 6.83 -5.18 5.61
C GLN A 15 5.81 -4.06 5.57
N ALA A 16 4.80 -4.11 6.44
CA ALA A 16 3.79 -3.07 6.48
C ALA A 16 4.44 -1.69 6.37
N ARG A 17 5.37 -1.43 7.28
CA ARG A 17 6.10 -0.18 7.29
C ARG A 17 7.25 -0.20 6.28
N ALA A 18 7.89 -1.36 6.14
CA ALA A 18 9.01 -1.52 5.23
C ALA A 18 8.57 -1.36 3.77
N PHE A 19 7.59 -2.15 3.36
CA PHE A 19 7.08 -2.08 2.00
C PHE A 19 6.61 -0.66 1.70
N LEU A 20 5.79 -0.12 2.59
CA LEU A 20 5.30 1.24 2.42
C LEU A 20 6.46 2.23 2.51
N GLU A 21 7.46 1.87 3.32
CA GLU A 21 8.64 2.73 3.50
C GLU A 21 9.29 3.00 2.16
N GLN A 22 9.64 1.95 1.45
CA GLN A 22 10.28 2.09 0.14
C GLN A 22 9.28 2.60 -0.90
N VAL A 23 7.99 2.37 -0.66
CA VAL A 23 6.95 2.84 -1.57
C VAL A 23 6.77 4.35 -1.49
N PHE A 24 6.34 4.80 -0.32
CA PHE A 24 6.12 6.23 -0.07
C PHE A 24 7.43 7.01 -0.21
N ARG A 25 8.54 6.29 -0.16
CA ARG A 25 9.85 6.90 -0.27
C ARG A 25 10.19 7.18 -1.73
N ARG A 26 9.80 6.25 -2.61
CA ARG A 26 10.04 6.40 -4.04
C ARG A 26 9.39 7.68 -4.56
N LYS A 27 8.21 7.97 -4.04
CA LYS A 27 7.47 9.16 -4.43
C LYS A 27 6.26 9.37 -3.50
N GLN A 28 5.16 9.89 -4.04
CA GLN A 28 3.97 10.13 -3.23
C GLN A 28 2.70 9.88 -4.02
N SER A 29 2.63 10.48 -5.21
CA SER A 29 1.45 10.35 -6.06
C SER A 29 1.46 9.06 -6.86
N LEU A 30 1.22 7.94 -6.19
CA LEU A 30 1.18 6.64 -6.86
C LEU A 30 -0.12 6.52 -7.66
N ASN A 31 0.00 6.56 -8.98
CA ASN A 31 -1.18 6.47 -9.85
C ASN A 31 -1.55 5.01 -10.10
N SER A 32 -2.66 4.80 -10.82
CA SER A 32 -3.13 3.45 -11.14
C SER A 32 -1.99 2.55 -11.62
N LYS A 33 -1.00 3.17 -12.26
CA LYS A 33 0.15 2.43 -12.76
C LYS A 33 1.12 2.09 -11.64
N GLU A 34 1.45 3.08 -10.83
CA GLU A 34 2.35 2.88 -9.71
C GLU A 34 1.68 2.06 -8.64
N LYS A 35 0.40 2.31 -8.43
CA LYS A 35 -0.35 1.58 -7.43
C LYS A 35 -0.35 0.09 -7.76
N GLU A 36 -0.35 -0.22 -9.05
CA GLU A 36 -0.35 -1.60 -9.51
C GLU A 36 1.08 -2.09 -9.70
N GLU A 37 1.94 -1.21 -10.19
CA GLU A 37 3.34 -1.52 -10.42
C GLU A 37 4.09 -1.62 -9.11
N VAL A 38 3.70 -0.78 -8.17
CA VAL A 38 4.31 -0.74 -6.84
C VAL A 38 3.76 -1.85 -5.97
N ALA A 39 2.46 -2.10 -6.09
CA ALA A 39 1.81 -3.14 -5.30
C ALA A 39 2.35 -4.53 -5.62
N LYS A 40 2.79 -4.73 -6.87
CA LYS A 40 3.31 -6.02 -7.29
C LYS A 40 4.80 -6.16 -7.03
N LYS A 41 5.49 -5.04 -6.86
CA LYS A 41 6.94 -5.08 -6.62
C LYS A 41 7.26 -4.79 -5.15
N CYS A 42 6.36 -4.09 -4.47
CA CYS A 42 6.58 -3.75 -3.07
C CYS A 42 5.85 -4.72 -2.15
N GLY A 43 4.77 -5.32 -2.65
CA GLY A 43 4.03 -6.28 -1.84
C GLY A 43 2.64 -5.79 -1.47
N ILE A 44 2.08 -4.90 -2.27
CA ILE A 44 0.74 -4.39 -2.01
C ILE A 44 -0.21 -4.87 -3.10
N THR A 45 -1.37 -4.24 -3.21
CA THR A 45 -2.35 -4.64 -4.23
C THR A 45 -3.18 -3.43 -4.69
N PRO A 46 -3.76 -3.52 -5.90
CA PRO A 46 -4.58 -2.44 -6.47
C PRO A 46 -5.65 -1.96 -5.48
N LEU A 47 -6.03 -2.83 -4.56
CA LEU A 47 -7.04 -2.50 -3.56
C LEU A 47 -6.40 -1.91 -2.32
N GLN A 48 -5.15 -2.28 -2.06
CA GLN A 48 -4.42 -1.77 -0.92
C GLN A 48 -3.85 -0.39 -1.24
N VAL A 49 -3.04 -0.35 -2.28
CA VAL A 49 -2.41 0.89 -2.73
C VAL A 49 -3.32 2.09 -2.57
N ARG A 50 -4.62 1.90 -2.72
CA ARG A 50 -5.58 2.99 -2.59
C ARG A 50 -5.93 3.21 -1.12
N VAL A 51 -6.45 2.18 -0.46
CA VAL A 51 -6.83 2.28 0.94
C VAL A 51 -5.60 2.42 1.83
N TRP A 52 -4.59 1.62 1.53
CA TRP A 52 -3.35 1.62 2.29
C TRP A 52 -2.64 2.98 2.19
N PHE A 53 -2.41 3.45 0.96
CA PHE A 53 -1.76 4.74 0.78
C PHE A 53 -2.64 5.86 1.32
N ILE A 54 -3.95 5.65 1.31
CA ILE A 54 -4.88 6.67 1.81
C ILE A 54 -4.51 7.08 3.24
N ASN A 55 -4.36 6.10 4.12
CA ASN A 55 -3.99 6.37 5.50
C ASN A 55 -2.49 6.62 5.63
N LYS A 56 -1.72 6.00 4.73
CA LYS A 56 -0.27 6.16 4.74
C LYS A 56 0.15 7.26 3.76
N ARG A 57 -0.79 8.13 3.40
CA ARG A 57 -0.53 9.22 2.49
C ARG A 57 -1.76 10.09 2.30
N MET A 58 -2.58 10.20 3.34
CA MET A 58 -3.80 11.00 3.27
C MET A 58 -3.48 12.44 2.82
N ARG A 59 -3.45 12.63 1.51
CA ARG A 59 -3.15 13.94 0.94
C ARG A 59 -4.31 14.90 1.16
N SER A 60 -5.52 14.40 0.93
CA SER A 60 -6.72 15.21 1.10
C SER A 60 -7.04 15.41 2.59
N LYS A 61 -7.12 16.67 3.00
CA LYS A 61 -7.41 17.00 4.39
C LYS A 61 -6.34 16.43 5.33
N LYS A 1 -15.91 -10.95 3.30
CA LYS A 1 -14.72 -10.41 3.98
C LYS A 1 -15.02 -10.04 5.43
N LYS A 2 -15.44 -11.03 6.21
CA LYS A 2 -15.77 -10.82 7.61
C LYS A 2 -15.11 -11.87 8.50
N GLU A 3 -13.88 -12.23 8.16
CA GLU A 3 -13.13 -13.23 8.93
C GLU A 3 -11.64 -13.02 8.78
N LYS A 4 -11.01 -12.48 9.81
CA LYS A 4 -9.57 -12.23 9.80
C LYS A 4 -8.82 -13.31 10.57
N SER A 5 -9.42 -14.49 10.68
CA SER A 5 -8.80 -15.60 11.39
C SER A 5 -8.53 -15.22 12.85
N PRO A 6 -8.33 -16.23 13.72
CA PRO A 6 -8.05 -16.00 15.14
C PRO A 6 -6.82 -15.13 15.36
N LYS A 7 -7.01 -13.82 15.30
CA LYS A 7 -5.91 -12.88 15.48
C LYS A 7 -6.43 -11.45 15.60
N GLY A 8 -5.76 -10.64 16.41
CA GLY A 8 -6.17 -9.26 16.60
C GLY A 8 -5.06 -8.40 17.17
N LYS A 9 -3.94 -8.32 16.45
CA LYS A 9 -2.81 -7.51 16.89
C LYS A 9 -2.15 -6.80 15.71
N SER A 10 -1.72 -7.58 14.72
CA SER A 10 -1.07 -7.03 13.54
C SER A 10 -1.73 -7.53 12.27
N SER A 11 -1.15 -7.16 11.13
CA SER A 11 -1.68 -7.58 9.83
C SER A 11 -0.61 -8.31 9.02
N ILE A 12 0.40 -7.58 8.57
CA ILE A 12 1.48 -8.15 7.78
C ILE A 12 2.81 -8.07 8.53
N SER A 13 3.80 -8.80 8.04
CA SER A 13 5.14 -8.81 8.64
C SER A 13 5.68 -7.38 8.72
N PRO A 14 6.95 -7.18 9.17
CA PRO A 14 7.53 -5.84 9.25
C PRO A 14 7.39 -5.09 7.94
N GLN A 15 7.24 -5.86 6.86
CA GLN A 15 7.08 -5.31 5.52
C GLN A 15 5.98 -4.26 5.50
N ALA A 16 5.04 -4.33 6.44
CA ALA A 16 3.96 -3.35 6.49
C ALA A 16 4.52 -1.94 6.36
N ARG A 17 5.44 -1.61 7.27
CA ARG A 17 6.08 -0.30 7.26
C ARG A 17 7.21 -0.28 6.24
N ALA A 18 7.90 -1.41 6.09
CA ALA A 18 9.01 -1.52 5.15
C ALA A 18 8.54 -1.35 3.71
N PHE A 19 7.59 -2.18 3.30
CA PHE A 19 7.06 -2.12 1.96
C PHE A 19 6.59 -0.70 1.65
N LEU A 20 5.78 -0.15 2.54
CA LEU A 20 5.29 1.22 2.36
C LEU A 20 6.43 2.21 2.51
N GLU A 21 7.40 1.87 3.36
CA GLU A 21 8.56 2.74 3.59
C GLU A 21 9.20 3.12 2.27
N GLN A 22 9.61 2.12 1.52
CA GLN A 22 10.24 2.33 0.22
C GLN A 22 9.24 2.87 -0.79
N VAL A 23 7.98 2.41 -0.70
CA VAL A 23 6.94 2.88 -1.60
C VAL A 23 6.79 4.40 -1.49
N PHE A 24 6.36 4.85 -0.32
CA PHE A 24 6.18 6.27 -0.05
C PHE A 24 7.50 7.04 -0.20
N ARG A 25 8.61 6.31 -0.20
CA ARG A 25 9.93 6.91 -0.34
C ARG A 25 10.22 7.25 -1.79
N ARG A 26 9.81 6.37 -2.69
CA ARG A 26 10.03 6.57 -4.12
C ARG A 26 9.35 7.84 -4.60
N LYS A 27 8.16 8.09 -4.09
CA LYS A 27 7.40 9.29 -4.45
C LYS A 27 6.29 9.52 -3.42
N GLN A 28 5.16 10.07 -3.86
CA GLN A 28 4.06 10.33 -2.94
C GLN A 28 2.72 9.99 -3.57
N SER A 29 2.50 10.49 -4.78
CA SER A 29 1.24 10.25 -5.49
C SER A 29 1.36 9.12 -6.51
N LEU A 30 1.06 7.90 -6.08
CA LEU A 30 1.11 6.75 -6.96
C LEU A 30 -0.14 6.71 -7.83
N ASN A 31 0.04 6.42 -9.11
CA ASN A 31 -1.09 6.34 -10.03
C ASN A 31 -1.53 4.89 -10.21
N SER A 32 -2.61 4.68 -10.95
CA SER A 32 -3.13 3.34 -11.19
C SER A 32 -2.03 2.40 -11.69
N LYS A 33 -1.02 2.99 -12.32
CA LYS A 33 0.10 2.23 -12.84
C LYS A 33 1.09 1.90 -11.73
N GLU A 34 1.43 2.91 -10.94
CA GLU A 34 2.35 2.73 -9.83
C GLU A 34 1.68 1.94 -8.73
N LYS A 35 0.40 2.20 -8.53
CA LYS A 35 -0.36 1.50 -7.51
C LYS A 35 -0.37 0.00 -7.81
N GLU A 36 -0.40 -0.33 -9.10
CA GLU A 36 -0.41 -1.73 -9.53
C GLU A 36 1.02 -2.24 -9.70
N GLU A 37 1.89 -1.36 -10.19
CA GLU A 37 3.29 -1.70 -10.41
C GLU A 37 4.05 -1.76 -9.09
N VAL A 38 3.68 -0.87 -8.18
CA VAL A 38 4.31 -0.81 -6.87
C VAL A 38 3.76 -1.91 -5.98
N ALA A 39 2.46 -2.16 -6.09
CA ALA A 39 1.80 -3.18 -5.29
C ALA A 39 2.34 -4.58 -5.59
N LYS A 40 2.78 -4.78 -6.83
CA LYS A 40 3.29 -6.08 -7.25
C LYS A 40 4.78 -6.24 -6.98
N LYS A 41 5.49 -5.13 -6.81
CA LYS A 41 6.93 -5.19 -6.54
C LYS A 41 7.24 -4.89 -5.08
N CYS A 42 6.36 -4.14 -4.43
CA CYS A 42 6.55 -3.78 -3.04
C CYS A 42 5.83 -4.75 -2.11
N GLY A 43 4.73 -5.33 -2.61
CA GLY A 43 3.98 -6.28 -1.80
C GLY A 43 2.59 -5.79 -1.45
N ILE A 44 2.05 -4.88 -2.25
CA ILE A 44 0.72 -4.35 -2.01
C ILE A 44 -0.23 -4.86 -3.10
N THR A 45 -1.38 -4.21 -3.25
CA THR A 45 -2.36 -4.61 -4.25
C THR A 45 -3.19 -3.42 -4.71
N PRO A 46 -3.73 -3.47 -5.94
CA PRO A 46 -4.56 -2.40 -6.50
C PRO A 46 -5.62 -1.91 -5.53
N LEU A 47 -6.03 -2.80 -4.62
CA LEU A 47 -7.05 -2.47 -3.62
C LEU A 47 -6.41 -1.87 -2.38
N GLN A 48 -5.16 -2.25 -2.13
CA GLN A 48 -4.44 -1.74 -0.97
C GLN A 48 -3.85 -0.38 -1.29
N VAL A 49 -3.03 -0.33 -2.32
CA VAL A 49 -2.38 0.90 -2.76
C VAL A 49 -3.29 2.12 -2.60
N ARG A 50 -4.58 1.91 -2.78
CA ARG A 50 -5.54 3.01 -2.65
C ARG A 50 -5.90 3.24 -1.18
N VAL A 51 -6.42 2.22 -0.52
CA VAL A 51 -6.79 2.33 0.89
C VAL A 51 -5.56 2.48 1.78
N TRP A 52 -4.54 1.67 1.48
CA TRP A 52 -3.29 1.69 2.23
C TRP A 52 -2.61 3.05 2.13
N PHE A 53 -2.38 3.53 0.91
CA PHE A 53 -1.75 4.82 0.72
C PHE A 53 -2.62 5.94 1.29
N ILE A 54 -3.94 5.73 1.28
CA ILE A 54 -4.86 6.74 1.79
C ILE A 54 -4.48 7.17 3.21
N ASN A 55 -4.36 6.21 4.11
CA ASN A 55 -4.00 6.50 5.49
C ASN A 55 -2.50 6.73 5.62
N LYS A 56 -1.73 6.06 4.76
CA LYS A 56 -0.28 6.20 4.76
C LYS A 56 0.17 7.33 3.83
N ARG A 57 -0.78 8.14 3.38
CA ARG A 57 -0.48 9.25 2.49
C ARG A 57 -1.70 10.15 2.31
N MET A 58 -2.52 10.27 3.35
CA MET A 58 -3.71 11.10 3.29
C MET A 58 -3.37 12.51 2.84
N ARG A 59 -3.29 12.70 1.53
CA ARG A 59 -2.97 14.01 0.95
C ARG A 59 -4.11 15.00 1.17
N SER A 60 -5.34 14.52 1.00
CA SER A 60 -6.51 15.37 1.16
C SER A 60 -7.50 14.75 2.15
N LYS A 61 -8.69 15.32 2.22
CA LYS A 61 -9.74 14.83 3.11
C LYS A 61 -10.02 13.35 2.87
N LYS A 1 2.78 -15.17 -3.78
CA LYS A 1 3.35 -13.81 -3.97
C LYS A 1 2.25 -12.75 -3.99
N LYS A 2 1.45 -12.78 -5.04
CA LYS A 2 0.35 -11.82 -5.20
C LYS A 2 -0.98 -12.44 -4.75
N GLU A 3 -0.93 -13.26 -3.72
CA GLU A 3 -2.12 -13.91 -3.21
C GLU A 3 -1.84 -14.61 -1.88
N LYS A 4 -2.79 -15.43 -1.42
CA LYS A 4 -2.63 -16.15 -0.16
C LYS A 4 -2.51 -15.17 1.01
N SER A 5 -3.61 -14.96 1.72
CA SER A 5 -3.62 -14.06 2.86
C SER A 5 -4.20 -14.73 4.09
N PRO A 6 -3.35 -15.37 4.92
CA PRO A 6 -3.80 -16.05 6.13
C PRO A 6 -4.28 -15.08 7.20
N LYS A 7 -5.25 -15.54 8.00
CA LYS A 7 -5.81 -14.71 9.06
C LYS A 7 -6.50 -13.48 8.49
N GLY A 8 -7.77 -13.28 8.87
CA GLY A 8 -8.52 -12.14 8.38
C GLY A 8 -7.99 -10.83 8.92
N LYS A 9 -8.35 -10.51 10.16
CA LYS A 9 -7.91 -9.27 10.79
C LYS A 9 -6.52 -9.43 11.38
N SER A 10 -5.50 -9.27 10.55
CA SER A 10 -4.12 -9.40 10.98
C SER A 10 -3.19 -8.52 10.15
N SER A 11 -2.29 -7.81 10.81
CA SER A 11 -1.35 -6.93 10.13
C SER A 11 -0.26 -7.74 9.44
N ILE A 12 0.19 -7.25 8.29
CA ILE A 12 1.24 -7.92 7.52
C ILE A 12 2.56 -7.91 8.29
N SER A 13 3.53 -8.67 7.80
CA SER A 13 4.85 -8.74 8.42
C SER A 13 5.42 -7.33 8.56
N PRO A 14 6.68 -7.19 9.06
CA PRO A 14 7.30 -5.86 9.21
C PRO A 14 7.21 -5.07 7.92
N GLN A 15 7.09 -5.81 6.80
CA GLN A 15 6.97 -5.19 5.48
C GLN A 15 5.92 -4.10 5.48
N ALA A 16 4.93 -4.20 6.38
CA ALA A 16 3.88 -3.20 6.45
C ALA A 16 4.49 -1.81 6.37
N ARG A 17 5.42 -1.54 7.29
CA ARG A 17 6.11 -0.26 7.32
C ARG A 17 7.25 -0.22 6.30
N ALA A 18 7.91 -1.37 6.13
CA ALA A 18 9.03 -1.47 5.19
C ALA A 18 8.57 -1.29 3.74
N PHE A 19 7.64 -2.13 3.33
CA PHE A 19 7.10 -2.05 1.98
C PHE A 19 6.59 -0.65 1.69
N LEU A 20 5.75 -0.13 2.57
CA LEU A 20 5.22 1.20 2.41
C LEU A 20 6.34 2.23 2.52
N GLU A 21 7.32 1.92 3.38
CA GLU A 21 8.45 2.81 3.58
C GLU A 21 9.08 3.18 2.24
N GLN A 22 9.62 2.17 1.57
CA GLN A 22 10.25 2.38 0.27
C GLN A 22 9.24 2.89 -0.75
N VAL A 23 7.99 2.43 -0.65
CA VAL A 23 6.95 2.86 -1.56
C VAL A 23 6.78 4.38 -1.50
N PHE A 24 6.35 4.86 -0.34
CA PHE A 24 6.16 6.30 -0.13
C PHE A 24 7.48 7.05 -0.29
N ARG A 25 8.60 6.33 -0.26
CA ARG A 25 9.92 6.94 -0.39
C ARG A 25 10.26 7.18 -1.85
N ARG A 26 9.84 6.26 -2.71
CA ARG A 26 10.11 6.37 -4.15
C ARG A 26 9.52 7.66 -4.69
N LYS A 27 8.35 8.03 -4.19
CA LYS A 27 7.67 9.24 -4.62
C LYS A 27 6.59 9.63 -3.61
N GLN A 28 5.43 10.07 -4.10
CA GLN A 28 4.35 10.47 -3.19
C GLN A 28 2.98 10.18 -3.81
N SER A 29 2.81 10.56 -5.06
CA SER A 29 1.54 10.37 -5.74
C SER A 29 1.55 9.15 -6.66
N LEU A 30 1.31 7.97 -6.08
CA LEU A 30 1.27 6.74 -6.86
C LEU A 30 -0.04 6.68 -7.65
N ASN A 31 0.06 6.50 -8.97
CA ASN A 31 -1.13 6.43 -9.81
C ASN A 31 -1.53 4.99 -10.07
N SER A 32 -2.64 4.80 -10.77
CA SER A 32 -3.15 3.46 -11.08
C SER A 32 -2.03 2.55 -11.59
N LYS A 33 -1.03 3.16 -12.22
CA LYS A 33 0.10 2.41 -12.74
C LYS A 33 1.08 2.07 -11.63
N GLU A 34 1.41 3.07 -10.82
CA GLU A 34 2.32 2.88 -9.70
C GLU A 34 1.64 2.04 -8.63
N LYS A 35 0.37 2.30 -8.40
CA LYS A 35 -0.38 1.57 -7.40
C LYS A 35 -0.36 0.07 -7.73
N GLU A 36 -0.38 -0.23 -9.03
CA GLU A 36 -0.37 -1.62 -9.47
C GLU A 36 1.07 -2.11 -9.66
N GLU A 37 1.92 -1.22 -10.15
CA GLU A 37 3.32 -1.54 -10.38
C GLU A 37 4.08 -1.62 -9.06
N VAL A 38 3.67 -0.77 -8.12
CA VAL A 38 4.28 -0.72 -6.81
C VAL A 38 3.73 -1.83 -5.91
N ALA A 39 2.44 -2.10 -6.06
CA ALA A 39 1.80 -3.14 -5.27
C ALA A 39 2.34 -4.53 -5.60
N LYS A 40 2.75 -4.72 -6.86
CA LYS A 40 3.27 -6.01 -7.31
C LYS A 40 4.77 -6.15 -7.05
N LYS A 41 5.47 -5.04 -6.86
CA LYS A 41 6.91 -5.07 -6.61
C LYS A 41 7.24 -4.86 -5.15
N CYS A 42 6.34 -4.18 -4.43
CA CYS A 42 6.54 -3.91 -3.01
C CYS A 42 5.82 -4.93 -2.15
N GLY A 43 4.70 -5.45 -2.65
CA GLY A 43 3.95 -6.43 -1.91
C GLY A 43 2.57 -5.96 -1.53
N ILE A 44 2.04 -4.99 -2.26
CA ILE A 44 0.71 -4.46 -1.99
C ILE A 44 -0.25 -4.94 -3.08
N THR A 45 -1.40 -4.29 -3.18
CA THR A 45 -2.40 -4.66 -4.19
C THR A 45 -3.22 -3.46 -4.64
N PRO A 46 -3.78 -3.51 -5.85
CA PRO A 46 -4.60 -2.41 -6.39
C PRO A 46 -5.65 -1.95 -5.39
N LEU A 47 -6.10 -2.87 -4.55
CA LEU A 47 -7.10 -2.57 -3.53
C LEU A 47 -6.45 -1.98 -2.28
N GLN A 48 -5.19 -2.33 -2.06
CA GLN A 48 -4.45 -1.83 -0.91
C GLN A 48 -3.89 -0.46 -1.23
N VAL A 49 -3.06 -0.40 -2.26
CA VAL A 49 -2.43 0.84 -2.71
C VAL A 49 -3.38 2.04 -2.55
N ARG A 50 -4.67 1.81 -2.74
CA ARG A 50 -5.65 2.88 -2.62
C ARG A 50 -5.99 3.12 -1.15
N VAL A 51 -6.49 2.08 -0.46
CA VAL A 51 -6.86 2.21 0.95
C VAL A 51 -5.62 2.38 1.83
N TRP A 52 -4.61 1.57 1.54
CA TRP A 52 -3.37 1.58 2.29
C TRP A 52 -2.67 2.95 2.18
N PHE A 53 -2.47 3.43 0.95
CA PHE A 53 -1.84 4.73 0.74
C PHE A 53 -2.74 5.85 1.26
N ILE A 54 -4.05 5.61 1.31
CA ILE A 54 -4.98 6.62 1.79
C ILE A 54 -4.57 7.10 3.18
N ASN A 55 -4.42 6.16 4.10
CA ASN A 55 -4.02 6.48 5.47
C ASN A 55 -2.51 6.68 5.56
N LYS A 56 -1.78 5.99 4.70
CA LYS A 56 -0.33 6.10 4.67
C LYS A 56 0.13 7.14 3.66
N ARG A 57 -0.80 7.98 3.23
CA ARG A 57 -0.51 9.03 2.25
C ARG A 57 -1.74 9.87 1.96
N MET A 58 -2.55 10.11 2.98
CA MET A 58 -3.77 10.91 2.81
C MET A 58 -3.40 12.33 2.37
N ARG A 59 -2.92 12.45 1.14
CA ARG A 59 -2.51 13.74 0.60
C ARG A 59 -3.74 14.60 0.27
N SER A 60 -4.65 14.04 -0.52
CA SER A 60 -5.86 14.75 -0.91
C SER A 60 -6.94 14.61 0.15
N LYS A 61 -8.02 15.37 0.00
CA LYS A 61 -9.13 15.33 0.94
C LYS A 61 -10.46 15.23 0.21
N LYS A 1 1.21 -19.05 3.25
CA LYS A 1 1.03 -18.62 4.66
C LYS A 1 -0.17 -17.68 4.81
N LYS A 2 -1.36 -18.26 4.90
CA LYS A 2 -2.59 -17.49 5.04
C LYS A 2 -2.83 -16.63 3.81
N GLU A 3 -2.13 -15.50 3.72
CA GLU A 3 -2.27 -14.59 2.59
C GLU A 3 -3.72 -14.17 2.41
N LYS A 4 -4.44 -14.03 3.53
CA LYS A 4 -5.84 -13.63 3.49
C LYS A 4 -6.01 -12.20 4.02
N SER A 5 -5.36 -11.25 3.36
CA SER A 5 -5.43 -9.86 3.76
C SER A 5 -6.87 -9.34 3.66
N PRO A 6 -7.45 -9.33 2.45
CA PRO A 6 -8.82 -8.85 2.24
C PRO A 6 -9.85 -9.68 3.00
N LYS A 7 -11.07 -9.17 3.07
CA LYS A 7 -12.14 -9.86 3.78
C LYS A 7 -11.82 -10.01 5.26
N GLY A 8 -11.17 -8.99 5.82
CA GLY A 8 -10.80 -9.03 7.23
C GLY A 8 -9.54 -8.23 7.51
N LYS A 9 -8.90 -8.54 8.63
CA LYS A 9 -7.67 -7.86 9.02
C LYS A 9 -6.74 -8.79 9.79
N SER A 10 -5.67 -9.23 9.13
CA SER A 10 -4.70 -10.13 9.76
C SER A 10 -3.31 -9.48 9.86
N SER A 11 -3.19 -8.25 9.34
CA SER A 11 -1.92 -7.54 9.38
C SER A 11 -0.85 -8.29 8.62
N ILE A 12 0.23 -7.58 8.27
CA ILE A 12 1.33 -8.18 7.53
C ILE A 12 2.63 -8.09 8.34
N SER A 13 3.66 -8.82 7.88
CA SER A 13 4.96 -8.81 8.54
C SER A 13 5.47 -7.38 8.69
N PRO A 14 6.68 -7.16 9.22
CA PRO A 14 7.23 -5.82 9.37
C PRO A 14 7.15 -5.04 8.07
N GLN A 15 7.09 -5.78 6.97
CA GLN A 15 6.98 -5.19 5.64
C GLN A 15 5.89 -4.14 5.59
N ALA A 16 4.90 -4.27 6.47
CA ALA A 16 3.79 -3.31 6.50
C ALA A 16 4.36 -1.89 6.41
N ARG A 17 5.25 -1.57 7.33
CA ARG A 17 5.89 -0.26 7.35
C ARG A 17 7.04 -0.21 6.36
N ALA A 18 7.77 -1.32 6.24
CA ALA A 18 8.92 -1.40 5.33
C ALA A 18 8.48 -1.25 3.89
N PHE A 19 7.57 -2.11 3.45
CA PHE A 19 7.06 -2.06 2.09
C PHE A 19 6.55 -0.67 1.76
N LEU A 20 5.68 -0.15 2.62
CA LEU A 20 5.14 1.18 2.43
C LEU A 20 6.26 2.20 2.52
N GLU A 21 7.24 1.92 3.38
CA GLU A 21 8.37 2.82 3.56
C GLU A 21 9.00 3.15 2.22
N GLN A 22 9.58 2.13 1.58
CA GLN A 22 10.22 2.30 0.29
C GLN A 22 9.20 2.82 -0.74
N VAL A 23 7.96 2.37 -0.65
CA VAL A 23 6.92 2.81 -1.57
C VAL A 23 6.81 4.33 -1.54
N PHE A 24 6.36 4.87 -0.42
CA PHE A 24 6.21 6.31 -0.26
C PHE A 24 7.57 7.01 -0.39
N ARG A 25 8.66 6.25 -0.30
CA ARG A 25 10.00 6.83 -0.40
C ARG A 25 10.39 7.02 -1.86
N ARG A 26 10.00 6.09 -2.71
CA ARG A 26 10.31 6.16 -4.13
C ARG A 26 9.72 7.43 -4.75
N LYS A 27 8.53 7.80 -4.29
CA LYS A 27 7.85 8.99 -4.78
C LYS A 27 6.72 9.38 -3.83
N GLN A 28 5.65 9.99 -4.36
CA GLN A 28 4.54 10.41 -3.52
C GLN A 28 3.21 10.20 -4.23
N SER A 29 3.15 10.62 -5.49
CA SER A 29 1.93 10.51 -6.28
C SER A 29 1.79 9.14 -6.94
N LEU A 30 1.38 8.14 -6.14
CA LEU A 30 1.19 6.80 -6.67
C LEU A 30 -0.17 6.70 -7.37
N ASN A 31 -0.16 6.58 -8.69
CA ASN A 31 -1.39 6.50 -9.46
C ASN A 31 -1.76 5.05 -9.78
N SER A 32 -2.82 4.86 -10.55
CA SER A 32 -3.29 3.53 -10.93
C SER A 32 -2.14 2.67 -11.45
N LYS A 33 -1.16 3.32 -12.06
CA LYS A 33 -0.01 2.63 -12.62
C LYS A 33 0.96 2.25 -11.51
N GLU A 34 1.27 3.21 -10.66
CA GLU A 34 2.18 2.99 -9.55
C GLU A 34 1.52 2.11 -8.51
N LYS A 35 0.24 2.34 -8.28
CA LYS A 35 -0.51 1.56 -7.33
C LYS A 35 -0.46 0.08 -7.70
N GLU A 36 -0.44 -0.20 -9.00
CA GLU A 36 -0.39 -1.56 -9.49
C GLU A 36 1.06 -2.00 -9.71
N GLU A 37 1.89 -1.07 -10.17
CA GLU A 37 3.30 -1.34 -10.42
C GLU A 37 4.07 -1.45 -9.11
N VAL A 38 3.66 -0.64 -8.15
CA VAL A 38 4.29 -0.61 -6.83
C VAL A 38 3.78 -1.76 -5.97
N ALA A 39 2.48 -2.04 -6.07
CA ALA A 39 1.86 -3.11 -5.30
C ALA A 39 2.44 -4.48 -5.66
N LYS A 40 2.88 -4.63 -6.91
CA LYS A 40 3.42 -5.90 -7.37
C LYS A 40 4.92 -6.03 -7.11
N LYS A 41 5.59 -4.90 -6.89
CA LYS A 41 7.03 -4.92 -6.62
C LYS A 41 7.34 -4.65 -5.16
N CYS A 42 6.41 -4.00 -4.47
CA CYS A 42 6.59 -3.68 -3.06
C CYS A 42 5.89 -4.69 -2.16
N GLY A 43 4.84 -5.31 -2.68
CA GLY A 43 4.11 -6.30 -1.89
C GLY A 43 2.73 -5.85 -1.50
N ILE A 44 2.14 -4.96 -2.29
CA ILE A 44 0.79 -4.47 -2.02
C ILE A 44 -0.17 -4.97 -3.10
N THR A 45 -1.38 -4.40 -3.13
CA THR A 45 -2.37 -4.81 -4.13
C THR A 45 -3.19 -3.61 -4.60
N PRO A 46 -3.77 -3.69 -5.81
CA PRO A 46 -4.58 -2.62 -6.39
C PRO A 46 -5.65 -2.13 -5.41
N LEU A 47 -6.05 -3.01 -4.50
CA LEU A 47 -7.07 -2.66 -3.51
C LEU A 47 -6.43 -2.05 -2.26
N GLN A 48 -5.17 -2.41 -2.02
CA GLN A 48 -4.44 -1.89 -0.88
C GLN A 48 -3.89 -0.51 -1.20
N VAL A 49 -3.07 -0.46 -2.24
CA VAL A 49 -2.47 0.79 -2.70
C VAL A 49 -3.41 1.98 -2.56
N ARG A 50 -4.69 1.74 -2.73
CA ARG A 50 -5.68 2.80 -2.61
C ARG A 50 -6.02 3.06 -1.15
N VAL A 51 -6.53 2.04 -0.46
CA VAL A 51 -6.89 2.17 0.95
C VAL A 51 -5.65 2.33 1.83
N TRP A 52 -4.65 1.52 1.55
CA TRP A 52 -3.40 1.54 2.29
C TRP A 52 -2.70 2.89 2.18
N PHE A 53 -2.51 3.36 0.94
CA PHE A 53 -1.86 4.66 0.73
C PHE A 53 -2.75 5.80 1.26
N ILE A 54 -4.06 5.57 1.27
CA ILE A 54 -4.99 6.59 1.75
C ILE A 54 -4.59 7.07 3.15
N ASN A 55 -4.44 6.13 4.07
CA ASN A 55 -4.05 6.45 5.44
C ASN A 55 -2.55 6.68 5.53
N LYS A 56 -1.80 6.00 4.66
CA LYS A 56 -0.34 6.13 4.63
C LYS A 56 0.09 7.19 3.63
N ARG A 57 -0.85 8.06 3.24
CA ARG A 57 -0.56 9.11 2.28
C ARG A 57 -1.79 9.98 2.04
N MET A 58 -2.61 10.14 3.07
CA MET A 58 -3.82 10.96 2.94
C MET A 58 -3.50 12.33 2.36
N ARG A 59 -3.55 12.42 1.02
CA ARG A 59 -3.26 13.67 0.34
C ARG A 59 -4.40 14.67 0.52
N SER A 60 -5.62 14.22 0.25
CA SER A 60 -6.80 15.07 0.38
C SER A 60 -7.98 14.28 0.94
N LYS A 61 -8.52 13.38 0.12
CA LYS A 61 -9.65 12.56 0.53
C LYS A 61 -9.24 11.09 0.63
N LYS A 1 -20.36 -5.05 2.61
CA LYS A 1 -19.20 -4.85 3.52
C LYS A 1 -18.13 -5.92 3.30
N LYS A 2 -17.12 -5.92 4.16
CA LYS A 2 -16.04 -6.90 4.06
C LYS A 2 -16.42 -8.21 4.75
N GLU A 3 -17.51 -8.81 4.28
CA GLU A 3 -17.98 -10.07 4.86
C GLU A 3 -17.67 -11.24 3.92
N LYS A 4 -17.76 -11.00 2.63
CA LYS A 4 -17.49 -12.03 1.63
C LYS A 4 -16.06 -11.91 1.10
N SER A 5 -15.13 -11.59 1.98
CA SER A 5 -13.74 -11.44 1.60
C SER A 5 -12.95 -12.71 1.93
N PRO A 6 -12.31 -13.32 0.92
CA PRO A 6 -11.53 -14.55 1.10
C PRO A 6 -10.48 -14.40 2.21
N LYS A 7 -9.66 -13.37 2.10
CA LYS A 7 -8.61 -13.11 3.09
C LYS A 7 -9.22 -12.75 4.44
N GLY A 8 -9.69 -11.51 4.56
CA GLY A 8 -10.29 -11.07 5.81
C GLY A 8 -9.37 -10.16 6.61
N LYS A 9 -8.97 -10.63 7.78
CA LYS A 9 -8.08 -9.86 8.65
C LYS A 9 -6.75 -9.58 7.94
N SER A 10 -6.40 -8.31 7.83
CA SER A 10 -5.15 -7.92 7.19
C SER A 10 -4.05 -7.66 8.21
N SER A 11 -2.92 -8.34 8.05
CA SER A 11 -1.80 -8.18 8.96
C SER A 11 -0.54 -8.80 8.38
N ILE A 12 0.29 -7.98 7.75
CA ILE A 12 1.52 -8.45 7.13
C ILE A 12 2.71 -8.30 8.07
N SER A 13 3.83 -8.90 7.69
CA SER A 13 5.05 -8.82 8.48
C SER A 13 5.49 -7.35 8.61
N PRO A 14 6.66 -7.07 9.22
CA PRO A 14 7.14 -5.69 9.36
C PRO A 14 7.07 -4.95 8.02
N GLN A 15 7.10 -5.73 6.94
CA GLN A 15 7.03 -5.18 5.59
C GLN A 15 5.91 -4.15 5.48
N ALA A 16 4.88 -4.28 6.31
CA ALA A 16 3.77 -3.33 6.29
C ALA A 16 4.31 -1.91 6.19
N ARG A 17 5.15 -1.55 7.15
CA ARG A 17 5.77 -0.22 7.18
C ARG A 17 6.96 -0.16 6.23
N ALA A 18 7.70 -1.27 6.14
CA ALA A 18 8.88 -1.35 5.28
C ALA A 18 8.50 -1.22 3.81
N PHE A 19 7.62 -2.11 3.36
CA PHE A 19 7.16 -2.10 1.99
C PHE A 19 6.66 -0.72 1.62
N LEU A 20 5.79 -0.16 2.45
CA LEU A 20 5.25 1.17 2.22
C LEU A 20 6.36 2.20 2.38
N GLU A 21 7.25 1.95 3.34
CA GLU A 21 8.36 2.86 3.59
C GLU A 21 9.06 3.22 2.28
N GLN A 22 9.57 2.21 1.60
CA GLN A 22 10.24 2.41 0.32
C GLN A 22 9.26 2.92 -0.73
N VAL A 23 8.01 2.44 -0.65
CA VAL A 23 6.98 2.89 -1.60
C VAL A 23 6.82 4.39 -1.53
N PHE A 24 6.34 4.88 -0.39
CA PHE A 24 6.15 6.31 -0.18
C PHE A 24 7.47 7.06 -0.31
N ARG A 25 8.58 6.34 -0.21
CA ARG A 25 9.90 6.95 -0.32
C ARG A 25 10.24 7.25 -1.78
N ARG A 26 9.85 6.34 -2.66
CA ARG A 26 10.12 6.51 -4.09
C ARG A 26 9.47 7.79 -4.61
N LYS A 27 8.25 8.04 -4.16
CA LYS A 27 7.51 9.22 -4.57
C LYS A 27 6.32 9.47 -3.62
N GLN A 28 5.21 9.97 -4.16
CA GLN A 28 4.04 10.24 -3.34
C GLN A 28 2.74 9.97 -4.09
N SER A 29 2.65 10.51 -5.30
CA SER A 29 1.46 10.35 -6.12
C SER A 29 1.47 9.06 -6.94
N LEU A 30 1.25 7.94 -6.26
CA LEU A 30 1.20 6.64 -6.94
C LEU A 30 -0.10 6.52 -7.73
N ASN A 31 0.00 6.48 -9.06
CA ASN A 31 -1.19 6.38 -9.90
C ASN A 31 -1.56 4.93 -10.14
N SER A 32 -2.67 4.71 -10.86
CA SER A 32 -3.14 3.36 -11.16
C SER A 32 -1.99 2.47 -11.63
N LYS A 33 -1.00 3.09 -12.26
CA LYS A 33 0.16 2.37 -12.78
C LYS A 33 1.12 2.01 -11.65
N GLU A 34 1.46 3.00 -10.84
CA GLU A 34 2.36 2.81 -9.73
C GLU A 34 1.68 1.99 -8.65
N LYS A 35 0.41 2.26 -8.45
CA LYS A 35 -0.36 1.54 -7.45
C LYS A 35 -0.36 0.05 -7.77
N GLU A 36 -0.37 -0.28 -9.05
CA GLU A 36 -0.37 -1.65 -9.49
C GLU A 36 1.06 -2.16 -9.68
N GLU A 37 1.92 -1.28 -10.20
CA GLU A 37 3.32 -1.61 -10.43
C GLU A 37 4.08 -1.70 -9.11
N VAL A 38 3.68 -0.86 -8.16
CA VAL A 38 4.30 -0.81 -6.85
C VAL A 38 3.74 -1.90 -5.94
N ALA A 39 2.44 -2.14 -6.06
CA ALA A 39 1.78 -3.16 -5.25
C ALA A 39 2.32 -4.56 -5.54
N LYS A 40 2.70 -4.80 -6.79
CA LYS A 40 3.22 -6.11 -7.18
C LYS A 40 4.73 -6.22 -6.97
N LYS A 41 5.40 -5.08 -6.85
CA LYS A 41 6.85 -5.07 -6.66
C LYS A 41 7.23 -4.80 -5.21
N CYS A 42 6.34 -4.11 -4.49
CA CYS A 42 6.59 -3.78 -3.09
C CYS A 42 5.88 -4.75 -2.16
N GLY A 43 4.76 -5.30 -2.62
CA GLY A 43 4.02 -6.25 -1.80
C GLY A 43 2.64 -5.78 -1.43
N ILE A 44 2.09 -4.86 -2.21
CA ILE A 44 0.75 -4.35 -1.96
C ILE A 44 -0.21 -4.85 -3.04
N THR A 45 -1.39 -4.22 -3.14
CA THR A 45 -2.36 -4.62 -4.15
C THR A 45 -3.19 -3.42 -4.61
N PRO A 46 -3.74 -3.49 -5.84
CA PRO A 46 -4.56 -2.40 -6.40
C PRO A 46 -5.61 -1.91 -5.42
N LEU A 47 -6.05 -2.80 -4.54
CA LEU A 47 -7.05 -2.46 -3.54
C LEU A 47 -6.41 -1.84 -2.31
N GLN A 48 -5.16 -2.20 -2.05
CA GLN A 48 -4.43 -1.67 -0.91
C GLN A 48 -3.85 -0.31 -1.27
N VAL A 49 -3.01 -0.29 -2.30
CA VAL A 49 -2.38 0.94 -2.76
C VAL A 49 -3.30 2.16 -2.63
N ARG A 50 -4.59 1.95 -2.81
CA ARG A 50 -5.55 3.03 -2.70
C ARG A 50 -5.92 3.31 -1.24
N VAL A 51 -6.42 2.28 -0.54
CA VAL A 51 -6.80 2.42 0.85
C VAL A 51 -5.58 2.55 1.75
N TRP A 52 -4.58 1.72 1.48
CA TRP A 52 -3.35 1.71 2.24
C TRP A 52 -2.63 3.05 2.13
N PHE A 53 -2.37 3.50 0.90
CA PHE A 53 -1.71 4.79 0.70
C PHE A 53 -2.58 5.92 1.22
N ILE A 54 -3.88 5.68 1.34
CA ILE A 54 -4.79 6.70 1.85
C ILE A 54 -4.46 7.03 3.30
N ASN A 55 -4.38 6.00 4.13
CA ASN A 55 -4.06 6.17 5.54
C ASN A 55 -2.56 6.36 5.76
N LYS A 56 -1.76 5.69 4.94
CA LYS A 56 -0.31 5.78 5.03
C LYS A 56 0.21 7.05 4.35
N ARG A 57 -0.54 7.53 3.37
CA ARG A 57 -0.16 8.74 2.64
C ARG A 57 -1.31 9.72 2.50
N MET A 58 -2.17 9.80 3.52
CA MET A 58 -3.31 10.70 3.48
C MET A 58 -2.84 12.14 3.20
N ARG A 59 -2.69 12.46 1.93
CA ARG A 59 -2.25 13.79 1.52
C ARG A 59 -3.36 14.81 1.71
N SER A 60 -4.55 14.47 1.25
CA SER A 60 -5.70 15.36 1.37
C SER A 60 -6.97 14.57 1.72
N LYS A 61 -8.11 15.25 1.67
CA LYS A 61 -9.39 14.61 1.98
C LYS A 61 -9.93 13.86 0.77
N LYS A 1 11.15 -19.17 -7.75
CA LYS A 1 11.46 -18.69 -6.38
C LYS A 1 10.38 -17.74 -5.87
N LYS A 2 9.14 -18.03 -6.22
CA LYS A 2 8.01 -17.19 -5.81
C LYS A 2 7.39 -17.72 -4.51
N GLU A 3 7.31 -16.85 -3.51
CA GLU A 3 6.73 -17.23 -2.22
C GLU A 3 5.22 -17.00 -2.20
N LYS A 4 4.65 -16.63 -3.34
CA LYS A 4 3.22 -16.38 -3.45
C LYS A 4 2.80 -15.22 -2.55
N SER A 5 1.97 -14.33 -3.09
CA SER A 5 1.50 -13.17 -2.34
C SER A 5 0.70 -13.61 -1.11
N PRO A 6 -0.41 -14.34 -1.32
CA PRO A 6 -1.25 -14.81 -0.21
C PRO A 6 -0.57 -15.89 0.62
N LYS A 7 -0.74 -15.82 1.93
CA LYS A 7 -0.14 -16.79 2.84
C LYS A 7 -0.70 -16.64 4.25
N GLY A 8 -0.79 -15.40 4.71
CA GLY A 8 -1.32 -15.15 6.04
C GLY A 8 -2.24 -13.95 6.09
N LYS A 9 -3.20 -13.98 7.01
CA LYS A 9 -4.16 -12.89 7.15
C LYS A 9 -3.87 -12.07 8.41
N SER A 10 -4.70 -11.06 8.65
CA SER A 10 -4.52 -10.20 9.81
C SER A 10 -3.19 -9.47 9.76
N SER A 11 -3.19 -8.26 9.22
CA SER A 11 -1.98 -7.45 9.11
C SER A 11 -0.92 -8.18 8.30
N ILE A 12 0.26 -7.59 8.21
CA ILE A 12 1.37 -8.18 7.47
C ILE A 12 2.67 -8.11 8.27
N SER A 13 3.68 -8.83 7.80
CA SER A 13 4.99 -8.85 8.45
C SER A 13 5.51 -7.42 8.59
N PRO A 14 6.74 -7.23 9.13
CA PRO A 14 7.32 -5.89 9.27
C PRO A 14 7.23 -5.12 7.97
N GLN A 15 7.15 -5.85 6.87
CA GLN A 15 7.04 -5.27 5.54
C GLN A 15 5.96 -4.20 5.51
N ALA A 16 4.98 -4.31 6.40
CA ALA A 16 3.90 -3.32 6.45
C ALA A 16 4.49 -1.92 6.36
N ARG A 17 5.41 -1.62 7.26
CA ARG A 17 6.08 -0.33 7.28
C ARG A 17 7.22 -0.28 6.27
N ALA A 18 7.92 -1.42 6.13
CA ALA A 18 9.05 -1.51 5.19
C ALA A 18 8.59 -1.35 3.75
N PHE A 19 7.64 -2.18 3.34
CA PHE A 19 7.11 -2.13 1.99
C PHE A 19 6.61 -0.73 1.68
N LEU A 20 5.76 -0.20 2.56
CA LEU A 20 5.24 1.15 2.37
C LEU A 20 6.36 2.17 2.48
N GLU A 21 7.33 1.86 3.35
CA GLU A 21 8.47 2.75 3.55
C GLU A 21 9.11 3.11 2.22
N GLN A 22 9.65 2.09 1.54
CA GLN A 22 10.27 2.30 0.24
C GLN A 22 9.27 2.83 -0.77
N VAL A 23 8.02 2.35 -0.68
CA VAL A 23 6.97 2.82 -1.59
C VAL A 23 6.81 4.33 -1.47
N PHE A 24 6.34 4.78 -0.31
CA PHE A 24 6.16 6.20 -0.05
C PHE A 24 7.49 6.96 -0.19
N ARG A 25 8.60 6.22 -0.14
CA ARG A 25 9.92 6.82 -0.25
C ARG A 25 10.22 7.18 -1.71
N ARG A 26 9.81 6.30 -2.62
CA ARG A 26 10.02 6.53 -4.05
C ARG A 26 9.36 7.82 -4.49
N LYS A 27 8.16 8.06 -3.98
CA LYS A 27 7.40 9.26 -4.32
C LYS A 27 6.21 9.42 -3.38
N GLN A 28 5.09 9.93 -3.89
CA GLN A 28 3.91 10.12 -3.05
C GLN A 28 2.63 9.86 -3.83
N SER A 29 2.53 10.48 -5.00
CA SER A 29 1.34 10.35 -5.84
C SER A 29 1.40 9.13 -6.76
N LEU A 30 1.21 7.95 -6.18
CA LEU A 30 1.21 6.72 -6.98
C LEU A 30 -0.07 6.65 -7.80
N ASN A 31 0.06 6.41 -9.10
CA ASN A 31 -1.11 6.32 -9.97
C ASN A 31 -1.54 4.88 -10.16
N SER A 32 -2.60 4.67 -10.94
CA SER A 32 -3.10 3.33 -11.20
C SER A 32 -1.98 2.41 -11.68
N LYS A 33 -0.97 3.02 -12.29
CA LYS A 33 0.18 2.31 -12.80
C LYS A 33 1.14 1.96 -11.66
N GLU A 34 1.47 2.97 -10.86
CA GLU A 34 2.36 2.77 -9.73
C GLU A 34 1.67 1.97 -8.66
N LYS A 35 0.40 2.24 -8.45
CA LYS A 35 -0.38 1.53 -7.46
C LYS A 35 -0.39 0.04 -7.77
N GLU A 36 -0.40 -0.29 -9.05
CA GLU A 36 -0.40 -1.68 -9.48
C GLU A 36 1.03 -2.19 -9.66
N GLU A 37 1.90 -1.32 -10.17
CA GLU A 37 3.30 -1.66 -10.39
C GLU A 37 4.05 -1.73 -9.06
N VAL A 38 3.67 -0.86 -8.14
CA VAL A 38 4.28 -0.81 -6.82
C VAL A 38 3.71 -1.90 -5.94
N ALA A 39 2.41 -2.14 -6.06
CA ALA A 39 1.75 -3.17 -5.26
C ALA A 39 2.30 -4.55 -5.58
N LYS A 40 2.70 -4.76 -6.83
CA LYS A 40 3.23 -6.06 -7.26
C LYS A 40 4.74 -6.16 -7.05
N LYS A 41 5.41 -5.01 -6.94
CA LYS A 41 6.85 -5.00 -6.75
C LYS A 41 7.24 -4.75 -5.30
N CYS A 42 6.39 -4.03 -4.57
CA CYS A 42 6.66 -3.72 -3.18
C CYS A 42 5.96 -4.71 -2.26
N GLY A 43 4.83 -5.25 -2.70
CA GLY A 43 4.11 -6.21 -1.89
C GLY A 43 2.72 -5.75 -1.48
N ILE A 44 2.12 -4.88 -2.28
CA ILE A 44 0.78 -4.38 -2.00
C ILE A 44 -0.19 -4.88 -3.06
N THR A 45 -1.35 -4.24 -3.17
CA THR A 45 -2.36 -4.64 -4.15
C THR A 45 -3.18 -3.44 -4.60
N PRO A 46 -3.71 -3.47 -5.84
CA PRO A 46 -4.51 -2.37 -6.39
C PRO A 46 -5.58 -1.91 -5.41
N LEU A 47 -6.02 -2.81 -4.55
CA LEU A 47 -7.04 -2.49 -3.55
C LEU A 47 -6.41 -1.88 -2.31
N GLN A 48 -5.16 -2.24 -2.05
CA GLN A 48 -4.43 -1.71 -0.91
C GLN A 48 -3.86 -0.34 -1.25
N VAL A 49 -3.04 -0.31 -2.29
CA VAL A 49 -2.42 0.93 -2.75
C VAL A 49 -3.34 2.15 -2.61
N ARG A 50 -4.64 1.94 -2.76
CA ARG A 50 -5.59 3.03 -2.64
C ARG A 50 -5.96 3.26 -1.18
N VAL A 51 -6.43 2.23 -0.50
CA VAL A 51 -6.80 2.35 0.91
C VAL A 51 -5.57 2.50 1.79
N TRP A 52 -4.56 1.69 1.51
CA TRP A 52 -3.32 1.69 2.26
C TRP A 52 -2.62 3.05 2.15
N PHE A 53 -2.40 3.52 0.92
CA PHE A 53 -1.75 4.81 0.71
C PHE A 53 -2.62 5.95 1.25
N ILE A 54 -3.94 5.73 1.26
CA ILE A 54 -4.87 6.75 1.74
C ILE A 54 -4.50 7.19 3.16
N ASN A 55 -4.40 6.24 4.07
CA ASN A 55 -4.04 6.53 5.45
C ASN A 55 -2.53 6.74 5.59
N LYS A 56 -1.77 6.07 4.74
CA LYS A 56 -0.32 6.17 4.77
C LYS A 56 0.17 7.29 3.85
N ARG A 57 -0.76 8.11 3.36
CA ARG A 57 -0.43 9.21 2.47
C ARG A 57 -1.62 10.12 2.24
N MET A 58 -2.47 10.26 3.26
CA MET A 58 -3.65 11.12 3.14
C MET A 58 -3.25 12.51 2.65
N ARG A 59 -3.17 12.66 1.33
CA ARG A 59 -2.79 13.94 0.73
C ARG A 59 -3.94 14.93 0.76
N SER A 60 -5.16 14.41 0.58
CA SER A 60 -6.35 15.25 0.58
C SER A 60 -6.34 16.25 1.73
N LYS A 61 -6.18 15.75 2.95
CA LYS A 61 -6.14 16.61 4.13
C LYS A 61 -7.46 17.38 4.28
N LYS A 1 -13.60 14.85 11.30
CA LYS A 1 -12.88 14.05 12.32
C LYS A 1 -13.63 12.75 12.64
N LYS A 2 -13.05 11.63 12.25
CA LYS A 2 -13.67 10.33 12.48
C LYS A 2 -12.96 9.59 13.62
N GLU A 3 -13.69 9.34 14.69
CA GLU A 3 -13.14 8.63 15.85
C GLU A 3 -11.94 9.39 16.43
N LYS A 4 -11.25 8.76 17.37
CA LYS A 4 -10.08 9.38 17.99
C LYS A 4 -8.86 9.27 17.09
N SER A 5 -8.69 8.12 16.45
CA SER A 5 -7.57 7.89 15.56
C SER A 5 -7.65 6.50 14.92
N PRO A 6 -7.71 5.44 15.73
CA PRO A 6 -7.80 4.06 15.22
C PRO A 6 -8.84 3.91 14.12
N LYS A 7 -8.43 3.38 12.98
CA LYS A 7 -9.33 3.17 11.85
C LYS A 7 -8.67 2.29 10.79
N GLY A 8 -8.69 0.98 11.05
CA GLY A 8 -8.10 0.04 10.12
C GLY A 8 -6.69 -0.37 10.52
N LYS A 9 -6.42 -1.67 10.48
CA LYS A 9 -5.10 -2.19 10.85
C LYS A 9 -4.60 -3.20 9.83
N SER A 10 -3.40 -2.95 9.31
CA SER A 10 -2.81 -3.84 8.32
C SER A 10 -2.47 -5.20 8.94
N SER A 11 -2.30 -6.20 8.10
CA SER A 11 -1.97 -7.55 8.57
C SER A 11 -0.85 -8.17 7.74
N ILE A 12 0.38 -7.82 8.06
CA ILE A 12 1.53 -8.35 7.35
C ILE A 12 2.81 -8.24 8.18
N SER A 13 3.85 -8.96 7.75
CA SER A 13 5.14 -8.95 8.43
C SER A 13 5.64 -7.50 8.57
N PRO A 14 6.87 -7.29 9.09
CA PRO A 14 7.42 -5.93 9.23
C PRO A 14 7.33 -5.18 7.92
N GLN A 15 7.27 -5.93 6.82
CA GLN A 15 7.16 -5.35 5.49
C GLN A 15 6.03 -4.33 5.43
N ALA A 16 5.06 -4.44 6.33
CA ALA A 16 3.96 -3.47 6.36
C ALA A 16 4.50 -2.05 6.26
N ARG A 17 5.39 -1.71 7.20
CA ARG A 17 6.01 -0.40 7.22
C ARG A 17 7.17 -0.34 6.23
N ALA A 18 7.88 -1.45 6.08
CA ALA A 18 9.02 -1.53 5.17
C ALA A 18 8.57 -1.35 3.72
N PHE A 19 7.64 -2.21 3.30
CA PHE A 19 7.12 -2.16 1.94
C PHE A 19 6.64 -0.74 1.62
N LEU A 20 5.81 -0.19 2.51
CA LEU A 20 5.31 1.16 2.32
C LEU A 20 6.43 2.17 2.49
N GLU A 21 7.40 1.84 3.36
CA GLU A 21 8.53 2.73 3.60
C GLU A 21 9.18 3.12 2.29
N GLN A 22 9.60 2.12 1.52
CA GLN A 22 10.22 2.33 0.24
C GLN A 22 9.21 2.87 -0.77
N VAL A 23 7.95 2.42 -0.66
CA VAL A 23 6.90 2.88 -1.57
C VAL A 23 6.76 4.40 -1.47
N PHE A 24 6.30 4.87 -0.32
CA PHE A 24 6.14 6.29 -0.08
C PHE A 24 7.47 7.04 -0.25
N ARG A 25 8.58 6.29 -0.21
CA ARG A 25 9.90 6.86 -0.35
C ARG A 25 10.20 7.21 -1.81
N ARG A 26 9.79 6.31 -2.70
CA ARG A 26 10.02 6.50 -4.13
C ARG A 26 9.37 7.80 -4.62
N LYS A 27 8.19 8.10 -4.10
CA LYS A 27 7.48 9.32 -4.47
C LYS A 27 6.33 9.58 -3.48
N GLN A 28 5.18 10.02 -3.98
CA GLN A 28 4.04 10.30 -3.10
C GLN A 28 2.72 10.02 -3.81
N SER A 29 2.60 10.51 -5.04
CA SER A 29 1.37 10.33 -5.80
C SER A 29 1.42 9.10 -6.70
N LEU A 30 1.22 7.93 -6.12
CA LEU A 30 1.20 6.69 -6.89
C LEU A 30 -0.09 6.59 -7.69
N ASN A 31 0.04 6.49 -9.01
CA ASN A 31 -1.14 6.40 -9.88
C ASN A 31 -1.54 4.94 -10.10
N SER A 32 -2.63 4.73 -10.82
CA SER A 32 -3.12 3.39 -11.10
C SER A 32 -2.00 2.49 -11.60
N LYS A 33 -1.00 3.09 -12.23
CA LYS A 33 0.13 2.34 -12.75
C LYS A 33 1.11 2.00 -11.63
N GLU A 34 1.43 3.00 -10.82
CA GLU A 34 2.34 2.81 -9.70
C GLU A 34 1.65 2.00 -8.62
N LYS A 35 0.38 2.25 -8.43
CA LYS A 35 -0.38 1.52 -7.43
C LYS A 35 -0.37 0.04 -7.74
N GLU A 36 -0.38 -0.29 -9.03
CA GLU A 36 -0.37 -1.68 -9.47
C GLU A 36 1.06 -2.17 -9.65
N GLU A 37 1.93 -1.28 -10.14
CA GLU A 37 3.33 -1.60 -10.37
C GLU A 37 4.08 -1.68 -9.04
N VAL A 38 3.68 -0.81 -8.12
CA VAL A 38 4.29 -0.76 -6.79
C VAL A 38 3.74 -1.87 -5.91
N ALA A 39 2.45 -2.13 -6.04
CA ALA A 39 1.79 -3.17 -5.25
C ALA A 39 2.36 -4.55 -5.58
N LYS A 40 2.76 -4.74 -6.82
CA LYS A 40 3.30 -6.03 -7.27
C LYS A 40 4.81 -6.13 -7.02
N LYS A 41 5.47 -4.99 -6.85
CA LYS A 41 6.91 -4.98 -6.62
C LYS A 41 7.25 -4.75 -5.16
N CYS A 42 6.36 -4.07 -4.44
CA CYS A 42 6.58 -3.78 -3.03
C CYS A 42 5.87 -4.79 -2.14
N GLY A 43 4.77 -5.35 -2.64
CA GLY A 43 4.03 -6.33 -1.86
C GLY A 43 2.64 -5.87 -1.47
N ILE A 44 2.08 -4.95 -2.24
CA ILE A 44 0.74 -4.45 -1.97
C ILE A 44 -0.23 -4.94 -3.05
N THR A 45 -1.40 -4.33 -3.12
CA THR A 45 -2.40 -4.72 -4.11
C THR A 45 -3.21 -3.51 -4.57
N PRO A 46 -3.72 -3.53 -5.82
CA PRO A 46 -4.52 -2.43 -6.36
C PRO A 46 -5.59 -1.95 -5.38
N LEU A 47 -6.06 -2.86 -4.55
CA LEU A 47 -7.08 -2.55 -3.55
C LEU A 47 -6.45 -1.91 -2.32
N GLN A 48 -5.20 -2.28 -2.04
CA GLN A 48 -4.49 -1.74 -0.91
C GLN A 48 -3.91 -0.39 -1.26
N VAL A 49 -3.08 -0.36 -2.27
CA VAL A 49 -2.44 0.87 -2.74
C VAL A 49 -3.36 2.09 -2.62
N ARG A 50 -4.66 1.88 -2.80
CA ARG A 50 -5.61 2.98 -2.68
C ARG A 50 -5.97 3.24 -1.22
N VAL A 51 -6.46 2.21 -0.54
CA VAL A 51 -6.84 2.35 0.87
C VAL A 51 -5.61 2.51 1.76
N TRP A 52 -4.59 1.71 1.47
CA TRP A 52 -3.35 1.74 2.21
C TRP A 52 -2.66 3.09 2.08
N PHE A 53 -2.44 3.55 0.85
CA PHE A 53 -1.81 4.84 0.62
C PHE A 53 -2.70 5.98 1.11
N ILE A 54 -4.00 5.72 1.24
CA ILE A 54 -4.92 6.75 1.71
C ILE A 54 -4.51 7.23 3.11
N ASN A 55 -4.49 6.31 4.07
CA ASN A 55 -4.11 6.66 5.43
C ASN A 55 -2.61 6.92 5.55
N LYS A 56 -1.82 6.07 4.91
CA LYS A 56 -0.35 6.19 4.94
C LYS A 56 0.13 7.39 4.13
N ARG A 57 -0.58 7.69 3.06
CA ARG A 57 -0.22 8.81 2.19
C ARG A 57 -1.38 9.79 2.05
N MET A 58 -2.15 9.94 3.13
CA MET A 58 -3.30 10.85 3.13
C MET A 58 -2.86 12.27 2.77
N ARG A 59 -2.75 12.53 1.48
CA ARG A 59 -2.34 13.85 1.01
C ARG A 59 -3.39 14.90 1.36
N SER A 60 -4.65 14.52 1.23
CA SER A 60 -5.76 15.43 1.55
C SER A 60 -6.52 14.95 2.77
N LYS A 61 -7.28 15.86 3.39
CA LYS A 61 -8.06 15.51 4.57
C LYS A 61 -9.07 14.42 4.26
N LYS A 1 -17.46 5.29 -3.46
CA LYS A 1 -17.10 3.99 -2.84
C LYS A 1 -16.07 4.16 -1.72
N LYS A 2 -16.53 4.03 -0.48
CA LYS A 2 -15.65 4.18 0.67
C LYS A 2 -15.96 3.13 1.73
N GLU A 3 -17.25 2.95 2.02
CA GLU A 3 -17.70 1.98 3.03
C GLU A 3 -16.85 2.05 4.30
N LYS A 4 -15.78 1.25 4.36
CA LYS A 4 -14.91 1.24 5.52
C LYS A 4 -13.71 2.16 5.31
N SER A 5 -12.84 2.22 6.31
CA SER A 5 -11.64 3.06 6.23
C SER A 5 -10.78 2.92 7.48
N PRO A 6 -11.32 3.27 8.66
CA PRO A 6 -10.58 3.18 9.93
C PRO A 6 -10.10 1.76 10.21
N LYS A 7 -9.39 1.60 11.32
CA LYS A 7 -8.85 0.30 11.71
C LYS A 7 -7.85 -0.21 10.69
N GLY A 8 -6.57 0.06 10.94
CA GLY A 8 -5.53 -0.38 10.03
C GLY A 8 -4.21 -0.64 10.75
N LYS A 9 -4.24 -1.56 11.71
CA LYS A 9 -3.05 -1.91 12.47
C LYS A 9 -2.85 -3.41 12.53
N SER A 10 -1.60 -3.86 12.41
CA SER A 10 -1.28 -5.28 12.44
C SER A 10 -2.00 -6.03 11.32
N SER A 11 -1.69 -5.65 10.09
CA SER A 11 -2.30 -6.28 8.92
C SER A 11 -1.28 -7.13 8.16
N ILE A 12 0.00 -6.78 8.29
CA ILE A 12 1.06 -7.52 7.62
C ILE A 12 2.36 -7.48 8.41
N SER A 13 3.29 -8.35 8.03
CA SER A 13 4.59 -8.42 8.70
C SER A 13 5.25 -7.03 8.76
N PRO A 14 6.50 -6.92 9.25
CA PRO A 14 7.19 -5.62 9.31
C PRO A 14 7.12 -4.90 7.96
N GLN A 15 6.97 -5.68 6.91
CA GLN A 15 6.87 -5.15 5.55
C GLN A 15 5.82 -4.05 5.48
N ALA A 16 4.86 -4.06 6.41
CA ALA A 16 3.84 -3.02 6.44
C ALA A 16 4.47 -1.65 6.31
N ARG A 17 5.43 -1.38 7.21
CA ARG A 17 6.15 -0.12 7.19
C ARG A 17 7.28 -0.14 6.17
N ALA A 18 7.92 -1.31 6.04
CA ALA A 18 9.04 -1.48 5.10
C ALA A 18 8.58 -1.33 3.66
N PHE A 19 7.58 -2.10 3.27
CA PHE A 19 7.04 -2.05 1.92
C PHE A 19 6.57 -0.63 1.62
N LEU A 20 5.73 -0.09 2.49
CA LEU A 20 5.23 1.27 2.31
C LEU A 20 6.38 2.25 2.38
N GLU A 21 7.40 1.92 3.19
CA GLU A 21 8.57 2.78 3.33
C GLU A 21 9.16 3.07 1.97
N GLN A 22 9.68 2.03 1.34
CA GLN A 22 10.29 2.18 0.01
C GLN A 22 9.27 2.70 -1.00
N VAL A 23 7.99 2.43 -0.76
CA VAL A 23 6.93 2.89 -1.66
C VAL A 23 6.76 4.40 -1.54
N PHE A 24 6.36 4.85 -0.35
CA PHE A 24 6.14 6.27 -0.09
C PHE A 24 7.46 7.05 -0.10
N ARG A 25 8.57 6.33 -0.11
CA ARG A 25 9.89 6.95 -0.12
C ARG A 25 10.33 7.27 -1.54
N ARG A 26 9.96 6.39 -2.47
CA ARG A 26 10.31 6.59 -3.88
C ARG A 26 9.66 7.86 -4.41
N LYS A 27 8.46 8.12 -3.93
CA LYS A 27 7.69 9.30 -4.33
C LYS A 27 6.57 9.57 -3.34
N GLN A 28 5.41 10.03 -3.80
CA GLN A 28 4.31 10.31 -2.90
C GLN A 28 2.97 10.02 -3.56
N SER A 29 2.81 10.46 -4.81
CA SER A 29 1.56 10.27 -5.54
C SER A 29 1.63 9.13 -6.53
N LEU A 30 1.27 7.91 -6.08
CA LEU A 30 1.26 6.75 -6.94
C LEU A 30 -0.08 6.66 -7.68
N ASN A 31 -0.03 6.47 -9.01
CA ASN A 31 -1.25 6.39 -9.80
C ASN A 31 -1.66 4.93 -10.02
N SER A 32 -2.72 4.72 -10.79
CA SER A 32 -3.22 3.38 -11.08
C SER A 32 -2.11 2.47 -11.59
N LYS A 33 -1.13 3.08 -12.25
CA LYS A 33 0.00 2.33 -12.80
C LYS A 33 0.99 1.99 -11.70
N GLU A 34 1.34 2.98 -10.90
CA GLU A 34 2.27 2.79 -9.80
C GLU A 34 1.61 1.99 -8.70
N LYS A 35 0.33 2.23 -8.48
CA LYS A 35 -0.40 1.51 -7.46
C LYS A 35 -0.40 0.02 -7.78
N GLU A 36 -0.43 -0.30 -9.06
CA GLU A 36 -0.42 -1.69 -9.52
C GLU A 36 1.01 -2.17 -9.71
N GLU A 37 1.86 -1.28 -10.21
CA GLU A 37 3.27 -1.59 -10.45
C GLU A 37 4.04 -1.67 -9.13
N VAL A 38 3.64 -0.81 -8.20
CA VAL A 38 4.28 -0.74 -6.89
C VAL A 38 3.74 -1.84 -5.98
N ALA A 39 2.46 -2.14 -6.12
CA ALA A 39 1.82 -3.18 -5.30
C ALA A 39 2.37 -4.56 -5.62
N LYS A 40 2.80 -4.77 -6.86
CA LYS A 40 3.33 -6.06 -7.29
C LYS A 40 4.82 -6.21 -7.00
N LYS A 41 5.52 -5.09 -6.81
CA LYS A 41 6.95 -5.14 -6.55
C LYS A 41 7.25 -4.88 -5.08
N CYS A 42 6.37 -4.16 -4.41
CA CYS A 42 6.56 -3.84 -3.00
C CYS A 42 5.82 -4.82 -2.10
N GLY A 43 4.74 -5.41 -2.62
CA GLY A 43 3.99 -6.37 -1.84
C GLY A 43 2.60 -5.89 -1.47
N ILE A 44 2.05 -4.97 -2.25
CA ILE A 44 0.72 -4.45 -2.00
C ILE A 44 -0.25 -4.96 -3.07
N THR A 45 -1.42 -4.34 -3.16
CA THR A 45 -2.41 -4.75 -4.15
C THR A 45 -3.22 -3.55 -4.64
N PRO A 46 -3.83 -3.67 -5.84
CA PRO A 46 -4.64 -2.61 -6.43
C PRO A 46 -5.70 -2.09 -5.46
N LEU A 47 -6.08 -2.93 -4.50
CA LEU A 47 -7.09 -2.56 -3.51
C LEU A 47 -6.43 -1.95 -2.28
N GLN A 48 -5.17 -2.31 -2.04
CA GLN A 48 -4.44 -1.79 -0.90
C GLN A 48 -3.86 -0.42 -1.24
N VAL A 49 -3.04 -0.38 -2.27
CA VAL A 49 -2.41 0.85 -2.73
C VAL A 49 -3.34 2.06 -2.60
N ARG A 50 -4.64 1.83 -2.77
CA ARG A 50 -5.61 2.91 -2.65
C ARG A 50 -5.95 3.17 -1.19
N VAL A 51 -6.48 2.15 -0.50
CA VAL A 51 -6.85 2.28 0.91
C VAL A 51 -5.62 2.43 1.79
N TRP A 52 -4.61 1.61 1.51
CA TRP A 52 -3.37 1.62 2.27
C TRP A 52 -2.66 2.97 2.16
N PHE A 53 -2.44 3.44 0.93
CA PHE A 53 -1.79 4.73 0.73
C PHE A 53 -2.67 5.85 1.26
N ILE A 54 -3.99 5.65 1.24
CA ILE A 54 -4.91 6.67 1.73
C ILE A 54 -4.53 7.10 3.15
N ASN A 55 -4.37 6.12 4.04
CA ASN A 55 -4.00 6.40 5.42
C ASN A 55 -2.50 6.66 5.53
N LYS A 56 -1.73 6.05 4.63
CA LYS A 56 -0.29 6.23 4.62
C LYS A 56 0.12 7.33 3.64
N ARG A 57 -0.84 8.17 3.27
CA ARG A 57 -0.59 9.25 2.33
C ARG A 57 -1.82 10.13 2.15
N MET A 58 -2.64 10.23 3.20
CA MET A 58 -3.85 11.04 3.13
C MET A 58 -3.55 12.45 2.62
N ARG A 59 -3.58 12.60 1.30
CA ARG A 59 -3.31 13.88 0.67
C ARG A 59 -4.43 14.87 0.97
N SER A 60 -5.67 14.39 0.89
CA SER A 60 -6.83 15.24 1.15
C SER A 60 -7.42 14.94 2.53
N LYS A 61 -7.80 15.99 3.25
CA LYS A 61 -8.39 15.85 4.57
C LYS A 61 -9.90 15.66 4.48
N LYS A 1 -20.83 4.02 13.91
CA LYS A 1 -20.78 3.68 15.36
C LYS A 1 -20.52 2.20 15.57
N LYS A 2 -19.40 1.88 16.22
CA LYS A 2 -19.03 0.50 16.49
C LYS A 2 -18.85 -0.28 15.19
N GLU A 3 -17.99 0.25 14.31
CA GLU A 3 -17.72 -0.39 13.03
C GLU A 3 -16.23 -0.61 12.83
N LYS A 4 -15.87 -1.27 11.74
CA LYS A 4 -14.47 -1.55 11.44
C LYS A 4 -13.82 -2.38 12.54
N SER A 5 -14.65 -3.06 13.33
CA SER A 5 -14.15 -3.91 14.41
C SER A 5 -13.69 -5.27 13.90
N PRO A 6 -14.62 -6.05 13.32
CA PRO A 6 -14.29 -7.39 12.79
C PRO A 6 -13.43 -7.32 11.54
N LYS A 7 -13.78 -6.43 10.63
CA LYS A 7 -13.03 -6.27 9.39
C LYS A 7 -11.56 -5.93 9.67
N GLY A 8 -10.65 -6.66 9.03
CA GLY A 8 -9.24 -6.43 9.23
C GLY A 8 -8.44 -7.71 9.27
N LYS A 9 -7.79 -7.97 10.40
CA LYS A 9 -6.99 -9.18 10.56
C LYS A 9 -5.84 -9.21 9.56
N SER A 10 -5.25 -10.39 9.38
CA SER A 10 -4.13 -10.56 8.45
C SER A 10 -2.88 -9.87 8.97
N SER A 11 -2.80 -8.56 8.80
CA SER A 11 -1.65 -7.78 9.26
C SER A 11 -0.34 -8.43 8.81
N ILE A 12 0.15 -8.01 7.65
CA ILE A 12 1.39 -8.54 7.10
C ILE A 12 2.56 -8.31 8.05
N SER A 13 3.68 -8.96 7.76
CA SER A 13 4.89 -8.82 8.57
C SER A 13 5.25 -7.34 8.72
N PRO A 14 6.39 -7.00 9.36
CA PRO A 14 6.80 -5.60 9.52
C PRO A 14 6.81 -4.88 8.17
N GLN A 15 6.94 -5.66 7.11
CA GLN A 15 6.96 -5.13 5.75
C GLN A 15 5.77 -4.19 5.54
N ALA A 16 4.70 -4.40 6.28
CA ALA A 16 3.52 -3.54 6.16
C ALA A 16 3.95 -2.08 6.03
N ARG A 17 4.65 -1.60 7.05
CA ARG A 17 5.16 -0.24 7.07
C ARG A 17 6.44 -0.13 6.27
N ALA A 18 7.25 -1.18 6.32
CA ALA A 18 8.53 -1.20 5.61
C ALA A 18 8.32 -1.13 4.10
N PHE A 19 7.57 -2.09 3.56
CA PHE A 19 7.29 -2.14 2.14
C PHE A 19 6.67 -0.82 1.70
N LEU A 20 5.70 -0.34 2.48
CA LEU A 20 5.03 0.93 2.18
C LEU A 20 6.00 2.08 2.39
N GLU A 21 6.92 1.92 3.34
CA GLU A 21 7.91 2.93 3.63
C GLU A 21 8.67 3.28 2.36
N GLN A 22 9.39 2.31 1.83
CA GLN A 22 10.15 2.50 0.60
C GLN A 22 9.21 2.89 -0.54
N VAL A 23 7.99 2.38 -0.49
CA VAL A 23 6.99 2.69 -1.51
C VAL A 23 6.74 4.19 -1.56
N PHE A 24 6.36 4.75 -0.43
CA PHE A 24 6.10 6.18 -0.32
C PHE A 24 7.41 6.97 -0.34
N ARG A 25 8.53 6.26 -0.19
CA ARG A 25 9.84 6.89 -0.19
C ARG A 25 10.30 7.16 -1.61
N ARG A 26 9.99 6.23 -2.51
CA ARG A 26 10.36 6.35 -3.91
C ARG A 26 9.74 7.61 -4.51
N LYS A 27 8.48 7.84 -4.18
CA LYS A 27 7.75 9.00 -4.67
C LYS A 27 6.55 9.29 -3.77
N GLN A 28 5.53 9.94 -4.32
CA GLN A 28 4.34 10.27 -3.55
C GLN A 28 3.07 10.08 -4.37
N SER A 29 3.08 10.61 -5.58
CA SER A 29 1.92 10.53 -6.47
C SER A 29 1.78 9.16 -7.13
N LEU A 30 1.36 8.17 -6.35
CA LEU A 30 1.16 6.82 -6.88
C LEU A 30 -0.18 6.74 -7.59
N ASN A 31 -0.14 6.51 -8.90
CA ASN A 31 -1.37 6.41 -9.70
C ASN A 31 -1.77 4.96 -9.91
N SER A 32 -2.84 4.75 -10.67
CA SER A 32 -3.32 3.39 -10.96
C SER A 32 -2.18 2.53 -11.49
N LYS A 33 -1.21 3.19 -12.12
CA LYS A 33 -0.06 2.50 -12.68
C LYS A 33 0.94 2.14 -11.60
N GLU A 34 1.27 3.12 -10.76
CA GLU A 34 2.21 2.90 -9.68
C GLU A 34 1.56 2.06 -8.60
N LYS A 35 0.27 2.29 -8.38
CA LYS A 35 -0.45 1.54 -7.38
C LYS A 35 -0.44 0.05 -7.73
N GLU A 36 -0.47 -0.24 -9.02
CA GLU A 36 -0.45 -1.62 -9.49
C GLU A 36 0.98 -2.09 -9.73
N GLU A 37 1.83 -1.17 -10.18
CA GLU A 37 3.23 -1.47 -10.44
C GLU A 37 4.01 -1.56 -9.13
N VAL A 38 3.63 -0.72 -8.18
CA VAL A 38 4.27 -0.68 -6.87
C VAL A 38 3.75 -1.81 -5.99
N ALA A 39 2.44 -2.07 -6.09
CA ALA A 39 1.83 -3.13 -5.30
C ALA A 39 2.43 -4.49 -5.62
N LYS A 40 2.81 -4.68 -6.87
CA LYS A 40 3.38 -5.96 -7.32
C LYS A 40 4.90 -6.01 -7.13
N LYS A 41 5.53 -4.86 -6.99
CA LYS A 41 6.98 -4.80 -6.82
C LYS A 41 7.38 -4.49 -5.39
N CYS A 42 6.45 -3.92 -4.63
CA CYS A 42 6.73 -3.57 -3.24
C CYS A 42 6.04 -4.53 -2.28
N GLY A 43 4.92 -5.12 -2.71
CA GLY A 43 4.21 -6.06 -1.86
C GLY A 43 2.80 -5.62 -1.50
N ILE A 44 2.22 -4.74 -2.29
CA ILE A 44 0.86 -4.28 -2.03
C ILE A 44 -0.09 -4.81 -3.10
N THR A 45 -1.28 -4.23 -3.19
CA THR A 45 -2.27 -4.67 -4.17
C THR A 45 -3.16 -3.50 -4.61
N PRO A 46 -3.76 -3.60 -5.80
CA PRO A 46 -4.64 -2.54 -6.35
C PRO A 46 -5.69 -2.09 -5.33
N LEU A 47 -6.05 -2.98 -4.42
CA LEU A 47 -7.05 -2.66 -3.40
C LEU A 47 -6.38 -2.07 -2.17
N GLN A 48 -5.13 -2.45 -1.94
CA GLN A 48 -4.38 -1.94 -0.80
C GLN A 48 -3.82 -0.56 -1.13
N VAL A 49 -3.03 -0.49 -2.19
CA VAL A 49 -2.42 0.76 -2.63
C VAL A 49 -3.35 1.95 -2.44
N ARG A 50 -4.64 1.75 -2.59
CA ARG A 50 -5.60 2.84 -2.41
C ARG A 50 -5.89 3.06 -0.93
N VAL A 51 -6.30 2.00 -0.23
CA VAL A 51 -6.60 2.11 1.19
C VAL A 51 -5.32 2.31 2.00
N TRP A 52 -4.30 1.52 1.66
CA TRP A 52 -3.02 1.57 2.33
C TRP A 52 -2.35 2.94 2.17
N PHE A 53 -2.25 3.42 0.93
CA PHE A 53 -1.66 4.73 0.68
C PHE A 53 -2.53 5.84 1.25
N ILE A 54 -3.83 5.57 1.38
CA ILE A 54 -4.75 6.57 1.91
C ILE A 54 -4.31 7.01 3.31
N ASN A 55 -4.06 6.03 4.18
CA ASN A 55 -3.62 6.31 5.54
C ASN A 55 -2.13 6.61 5.56
N LYS A 56 -1.39 5.99 4.66
CA LYS A 56 0.05 6.20 4.57
C LYS A 56 0.39 7.29 3.57
N ARG A 57 -0.61 8.09 3.20
CA ARG A 57 -0.42 9.17 2.25
C ARG A 57 -1.71 9.95 2.04
N MET A 58 -2.49 10.11 3.11
CA MET A 58 -3.76 10.84 3.02
C MET A 58 -3.52 12.27 2.54
N ARG A 59 -3.36 12.41 1.23
CA ARG A 59 -3.12 13.71 0.61
C ARG A 59 -4.42 14.49 0.47
N SER A 60 -5.34 13.94 -0.33
CA SER A 60 -6.62 14.58 -0.56
C SER A 60 -7.72 13.53 -0.69
N LYS A 61 -8.90 13.97 -1.15
CA LYS A 61 -10.03 13.06 -1.33
C LYS A 61 -9.68 11.93 -2.28
N LYS A 1 -10.03 -3.19 -7.60
CA LYS A 1 -10.92 -2.73 -8.70
C LYS A 1 -11.93 -3.82 -9.07
N LYS A 2 -12.70 -4.26 -8.08
CA LYS A 2 -13.71 -5.29 -8.30
C LYS A 2 -14.72 -5.32 -7.16
N GLU A 3 -14.26 -5.69 -5.97
CA GLU A 3 -15.12 -5.76 -4.80
C GLU A 3 -15.02 -4.49 -3.97
N LYS A 4 -16.02 -3.63 -4.09
CA LYS A 4 -16.05 -2.37 -3.35
C LYS A 4 -16.08 -2.62 -1.85
N SER A 5 -16.74 -3.71 -1.45
CA SER A 5 -16.84 -4.06 -0.04
C SER A 5 -15.55 -4.69 0.46
N PRO A 6 -14.87 -4.05 1.44
CA PRO A 6 -13.62 -4.55 2.00
C PRO A 6 -13.78 -5.95 2.62
N LYS A 7 -14.40 -5.98 3.81
CA LYS A 7 -14.62 -7.25 4.51
C LYS A 7 -13.29 -7.97 4.75
N GLY A 8 -12.25 -7.21 5.05
CA GLY A 8 -10.95 -7.79 5.30
C GLY A 8 -10.23 -7.13 6.47
N LYS A 9 -8.91 -7.32 6.52
CA LYS A 9 -8.11 -6.74 7.59
C LYS A 9 -6.67 -6.52 7.13
N SER A 10 -6.20 -5.28 7.24
CA SER A 10 -4.84 -4.95 6.84
C SER A 10 -3.83 -5.42 7.89
N SER A 11 -2.99 -6.39 7.50
CA SER A 11 -1.98 -6.92 8.41
C SER A 11 -0.88 -7.64 7.62
N ILE A 12 0.34 -7.56 8.13
CA ILE A 12 1.48 -8.20 7.49
C ILE A 12 2.75 -8.02 8.32
N SER A 13 3.78 -8.78 7.98
CA SER A 13 5.07 -8.70 8.67
C SER A 13 5.54 -7.25 8.76
N PRO A 14 6.75 -6.99 9.31
CA PRO A 14 7.27 -5.62 9.41
C PRO A 14 7.22 -4.93 8.06
N GLN A 15 7.22 -5.73 7.00
CA GLN A 15 7.15 -5.23 5.64
C GLN A 15 5.99 -4.26 5.48
N ALA A 16 4.97 -4.40 6.32
CA ALA A 16 3.81 -3.51 6.25
C ALA A 16 4.28 -2.06 6.08
N ARG A 17 5.07 -1.60 7.05
CA ARG A 17 5.61 -0.26 7.02
C ARG A 17 6.86 -0.20 6.14
N ALA A 18 7.63 -1.27 6.15
CA ALA A 18 8.86 -1.33 5.36
C ALA A 18 8.56 -1.26 3.87
N PHE A 19 7.68 -2.15 3.41
CA PHE A 19 7.30 -2.18 2.01
C PHE A 19 6.73 -0.83 1.61
N LEU A 20 5.85 -0.30 2.44
CA LEU A 20 5.25 1.01 2.18
C LEU A 20 6.29 2.11 2.35
N GLU A 21 7.24 1.87 3.24
CA GLU A 21 8.30 2.83 3.49
C GLU A 21 9.00 3.17 2.18
N GLN A 22 9.61 2.17 1.57
CA GLN A 22 10.29 2.35 0.30
C GLN A 22 9.29 2.80 -0.77
N VAL A 23 8.05 2.38 -0.62
CA VAL A 23 6.98 2.77 -1.55
C VAL A 23 6.80 4.28 -1.50
N PHE A 24 6.43 4.79 -0.33
CA PHE A 24 6.25 6.22 -0.14
C PHE A 24 7.58 6.96 -0.28
N ARG A 25 8.68 6.21 -0.24
CA ARG A 25 10.00 6.80 -0.37
C ARG A 25 10.30 7.15 -1.82
N ARG A 26 9.87 6.28 -2.73
CA ARG A 26 10.09 6.49 -4.15
C ARG A 26 9.44 7.79 -4.61
N LYS A 27 8.21 8.02 -4.13
CA LYS A 27 7.48 9.23 -4.47
C LYS A 27 6.35 9.47 -3.46
N GLN A 28 5.22 10.02 -3.92
CA GLN A 28 4.10 10.30 -3.03
C GLN A 28 2.77 9.99 -3.68
N SER A 29 2.59 10.51 -4.88
CA SER A 29 1.33 10.33 -5.61
C SER A 29 1.38 9.17 -6.59
N LEU A 30 1.19 7.95 -6.08
CA LEU A 30 1.19 6.77 -6.94
C LEU A 30 -0.12 6.71 -7.72
N ASN A 31 -0.03 6.42 -9.01
CA ASN A 31 -1.23 6.33 -9.86
C ASN A 31 -1.63 4.88 -10.06
N SER A 32 -2.69 4.67 -10.84
CA SER A 32 -3.17 3.32 -11.12
C SER A 32 -2.03 2.45 -11.61
N LYS A 33 -1.04 3.08 -12.22
CA LYS A 33 0.13 2.37 -12.74
C LYS A 33 1.10 2.04 -11.63
N GLU A 34 1.43 3.04 -10.83
CA GLU A 34 2.35 2.85 -9.72
C GLU A 34 1.68 2.04 -8.63
N LYS A 35 0.40 2.29 -8.42
CA LYS A 35 -0.35 1.56 -7.42
C LYS A 35 -0.35 0.07 -7.74
N GLU A 36 -0.38 -0.24 -9.04
CA GLU A 36 -0.37 -1.63 -9.48
C GLU A 36 1.06 -2.13 -9.67
N GLU A 37 1.92 -1.24 -10.14
CA GLU A 37 3.33 -1.55 -10.37
C GLU A 37 4.08 -1.63 -9.04
N VAL A 38 3.70 -0.76 -8.11
CA VAL A 38 4.31 -0.71 -6.79
C VAL A 38 3.76 -1.82 -5.91
N ALA A 39 2.47 -2.10 -6.07
CA ALA A 39 1.82 -3.15 -5.28
C ALA A 39 2.37 -4.53 -5.61
N LYS A 40 2.80 -4.72 -6.86
CA LYS A 40 3.32 -6.02 -7.30
C LYS A 40 4.82 -6.17 -7.02
N LYS A 41 5.51 -5.05 -6.83
CA LYS A 41 6.95 -5.11 -6.58
C LYS A 41 7.27 -4.82 -5.12
N CYS A 42 6.37 -4.15 -4.42
CA CYS A 42 6.56 -3.82 -3.02
C CYS A 42 5.82 -4.80 -2.12
N GLY A 43 4.73 -5.36 -2.62
CA GLY A 43 3.98 -6.33 -1.83
C GLY A 43 2.58 -5.85 -1.49
N ILE A 44 2.06 -4.91 -2.26
CA ILE A 44 0.71 -4.40 -2.01
C ILE A 44 -0.23 -4.87 -3.12
N THR A 45 -1.39 -4.24 -3.25
CA THR A 45 -2.34 -4.62 -4.28
C THR A 45 -3.19 -3.42 -4.72
N PRO A 46 -3.77 -3.49 -5.93
CA PRO A 46 -4.61 -2.41 -6.47
C PRO A 46 -5.68 -1.96 -5.47
N LEU A 47 -6.05 -2.86 -4.57
CA LEU A 47 -7.06 -2.57 -3.56
C LEU A 47 -6.40 -1.99 -2.31
N GLN A 48 -5.17 -2.40 -2.06
CA GLN A 48 -4.44 -1.91 -0.90
C GLN A 48 -3.86 -0.54 -1.19
N VAL A 49 -3.04 -0.48 -2.23
CA VAL A 49 -2.41 0.78 -2.64
C VAL A 49 -3.33 1.98 -2.41
N ARG A 50 -4.60 1.82 -2.72
CA ARG A 50 -5.56 2.90 -2.52
C ARG A 50 -5.83 3.11 -1.03
N VAL A 51 -6.34 2.07 -0.35
CA VAL A 51 -6.64 2.16 1.08
C VAL A 51 -5.37 2.39 1.89
N TRP A 52 -4.33 1.64 1.54
CA TRP A 52 -3.04 1.72 2.21
C TRP A 52 -2.43 3.11 2.07
N PHE A 53 -2.31 3.60 0.83
CA PHE A 53 -1.76 4.91 0.58
C PHE A 53 -2.70 6.01 1.08
N ILE A 54 -3.97 5.66 1.29
CA ILE A 54 -4.94 6.62 1.78
C ILE A 54 -4.54 7.13 3.16
N ASN A 55 -4.36 6.21 4.10
CA ASN A 55 -3.98 6.57 5.46
C ASN A 55 -2.49 6.89 5.55
N LYS A 56 -1.69 6.19 4.76
CA LYS A 56 -0.24 6.41 4.74
C LYS A 56 0.12 7.66 3.96
N ARG A 57 -0.66 7.97 2.95
CA ARG A 57 -0.42 9.15 2.12
C ARG A 57 -1.65 10.04 2.05
N MET A 58 -2.43 10.06 3.12
CA MET A 58 -3.63 10.89 3.18
C MET A 58 -3.34 12.32 2.74
N ARG A 59 -3.46 12.56 1.44
CA ARG A 59 -3.20 13.89 0.89
C ARG A 59 -4.34 14.84 1.21
N SER A 60 -5.57 14.35 1.07
CA SER A 60 -6.76 15.16 1.35
C SER A 60 -6.78 15.59 2.81
N LYS A 61 -6.49 14.65 3.71
CA LYS A 61 -6.48 14.93 5.14
C LYS A 61 -5.09 14.77 5.72
N LYS A 1 -9.05 -20.21 -13.10
CA LYS A 1 -9.17 -20.87 -11.76
C LYS A 1 -10.09 -20.09 -10.84
N LYS A 2 -10.05 -20.39 -9.55
CA LYS A 2 -10.88 -19.72 -8.56
C LYS A 2 -10.02 -19.07 -7.48
N GLU A 3 -10.13 -17.75 -7.36
CA GLU A 3 -9.36 -17.02 -6.36
C GLU A 3 -10.11 -15.78 -5.90
N LYS A 4 -11.30 -15.99 -5.35
CA LYS A 4 -12.13 -14.88 -4.86
C LYS A 4 -11.47 -14.19 -3.68
N SER A 5 -11.31 -14.92 -2.58
CA SER A 5 -10.68 -14.37 -1.39
C SER A 5 -10.16 -15.49 -0.49
N PRO A 6 -9.01 -15.26 0.16
CA PRO A 6 -8.40 -16.26 1.05
C PRO A 6 -9.23 -16.49 2.31
N LYS A 7 -8.64 -17.21 3.27
CA LYS A 7 -9.32 -17.51 4.53
C LYS A 7 -8.45 -17.13 5.71
N GLY A 8 -8.54 -15.89 6.15
CA GLY A 8 -7.75 -15.42 7.27
C GLY A 8 -7.16 -14.05 7.03
N LYS A 9 -6.44 -13.91 5.91
CA LYS A 9 -5.82 -12.64 5.56
C LYS A 9 -4.77 -12.22 6.59
N SER A 10 -5.23 -11.67 7.72
CA SER A 10 -4.33 -11.24 8.78
C SER A 10 -3.39 -10.14 8.28
N SER A 11 -2.51 -9.68 9.15
CA SER A 11 -1.55 -8.63 8.81
C SER A 11 -0.31 -9.23 8.15
N ILE A 12 0.63 -8.37 7.78
CA ILE A 12 1.86 -8.82 7.14
C ILE A 12 3.07 -8.58 8.04
N SER A 13 4.20 -9.16 7.68
CA SER A 13 5.44 -9.00 8.44
C SER A 13 5.75 -7.51 8.62
N PRO A 14 6.90 -7.15 9.22
CA PRO A 14 7.27 -5.74 9.40
C PRO A 14 7.22 -5.00 8.08
N GLN A 15 7.33 -5.75 6.99
CA GLN A 15 7.28 -5.18 5.65
C GLN A 15 6.07 -4.27 5.49
N ALA A 16 5.02 -4.52 6.27
CA ALA A 16 3.82 -3.69 6.19
C ALA A 16 4.21 -2.22 6.08
N ARG A 17 4.96 -1.74 7.07
CA ARG A 17 5.43 -0.37 7.09
C ARG A 17 6.68 -0.22 6.22
N ALA A 18 7.55 -1.22 6.26
CA ALA A 18 8.78 -1.20 5.48
C ALA A 18 8.48 -1.10 3.99
N PHE A 19 7.70 -2.05 3.49
CA PHE A 19 7.32 -2.07 2.08
C PHE A 19 6.72 -0.73 1.70
N LEU A 20 5.78 -0.26 2.51
CA LEU A 20 5.14 1.03 2.25
C LEU A 20 6.15 2.16 2.44
N GLU A 21 7.12 1.94 3.31
CA GLU A 21 8.16 2.93 3.57
C GLU A 21 8.85 3.28 2.27
N GLN A 22 9.54 2.29 1.69
CA GLN A 22 10.23 2.48 0.42
C GLN A 22 9.24 2.90 -0.67
N VAL A 23 7.99 2.46 -0.52
CA VAL A 23 6.95 2.79 -1.49
C VAL A 23 6.71 4.30 -1.52
N PHE A 24 6.33 4.86 -0.38
CA PHE A 24 6.09 6.30 -0.28
C PHE A 24 7.41 7.07 -0.40
N ARG A 25 8.52 6.37 -0.30
CA ARG A 25 9.84 7.00 -0.40
C ARG A 25 10.25 7.16 -1.85
N ARG A 26 9.86 6.21 -2.69
CA ARG A 26 10.20 6.26 -4.11
C ARG A 26 9.62 7.51 -4.75
N LYS A 27 8.41 7.86 -4.33
CA LYS A 27 7.74 9.06 -4.83
C LYS A 27 6.65 9.51 -3.85
N GLN A 28 5.54 10.04 -4.37
CA GLN A 28 4.47 10.53 -3.50
C GLN A 28 3.10 10.22 -4.09
N SER A 29 2.93 10.59 -5.34
CA SER A 29 1.65 10.40 -6.02
C SER A 29 1.60 9.11 -6.84
N LEU A 30 1.35 7.99 -6.16
CA LEU A 30 1.25 6.71 -6.85
C LEU A 30 -0.07 6.63 -7.63
N ASN A 31 0.03 6.52 -8.94
CA ASN A 31 -1.16 6.45 -9.79
C ASN A 31 -1.56 4.99 -10.05
N SER A 32 -2.68 4.80 -10.74
CA SER A 32 -3.17 3.46 -11.05
C SER A 32 -2.04 2.57 -11.55
N LYS A 33 -1.05 3.18 -12.18
CA LYS A 33 0.09 2.45 -12.71
C LYS A 33 1.07 2.11 -11.58
N GLU A 34 1.40 3.11 -10.78
CA GLU A 34 2.32 2.91 -9.67
C GLU A 34 1.65 2.10 -8.59
N LYS A 35 0.37 2.33 -8.37
CA LYS A 35 -0.37 1.60 -7.37
C LYS A 35 -0.36 0.11 -7.70
N GLU A 36 -0.38 -0.20 -9.00
CA GLU A 36 -0.36 -1.58 -9.46
C GLU A 36 1.07 -2.06 -9.64
N GLU A 37 1.93 -1.16 -10.11
CA GLU A 37 3.34 -1.46 -10.34
C GLU A 37 4.08 -1.55 -9.01
N VAL A 38 3.68 -0.69 -8.08
CA VAL A 38 4.28 -0.65 -6.75
C VAL A 38 3.75 -1.79 -5.89
N ALA A 39 2.46 -2.07 -6.06
CA ALA A 39 1.81 -3.13 -5.29
C ALA A 39 2.38 -4.51 -5.63
N LYS A 40 2.81 -4.68 -6.88
CA LYS A 40 3.34 -5.96 -7.33
C LYS A 40 4.85 -6.09 -7.06
N LYS A 41 5.52 -4.97 -6.84
CA LYS A 41 6.97 -5.00 -6.59
C LYS A 41 7.28 -4.73 -5.12
N CYS A 42 6.35 -4.07 -4.43
CA CYS A 42 6.55 -3.74 -3.02
C CYS A 42 5.80 -4.72 -2.12
N GLY A 43 4.74 -5.33 -2.64
CA GLY A 43 3.99 -6.29 -1.84
C GLY A 43 2.59 -5.82 -1.48
N ILE A 44 2.03 -4.95 -2.30
CA ILE A 44 0.68 -4.44 -2.06
C ILE A 44 -0.25 -4.90 -3.18
N THR A 45 -1.42 -4.27 -3.28
CA THR A 45 -2.39 -4.62 -4.32
C THR A 45 -3.23 -3.42 -4.72
N PRO A 46 -3.84 -3.48 -5.92
CA PRO A 46 -4.68 -2.39 -6.43
C PRO A 46 -5.75 -1.97 -5.42
N LEU A 47 -6.10 -2.88 -4.53
CA LEU A 47 -7.10 -2.61 -3.51
C LEU A 47 -6.43 -2.04 -2.26
N GLN A 48 -5.20 -2.47 -2.01
CA GLN A 48 -4.46 -1.98 -0.86
C GLN A 48 -3.88 -0.61 -1.15
N VAL A 49 -3.07 -0.53 -2.19
CA VAL A 49 -2.45 0.73 -2.60
C VAL A 49 -3.36 1.92 -2.35
N ARG A 50 -4.64 1.79 -2.69
CA ARG A 50 -5.59 2.86 -2.48
C ARG A 50 -5.86 3.07 -0.99
N VAL A 51 -6.37 2.03 -0.32
CA VAL A 51 -6.68 2.12 1.11
C VAL A 51 -5.41 2.32 1.94
N TRP A 52 -4.39 1.54 1.61
CA TRP A 52 -3.12 1.57 2.31
C TRP A 52 -2.47 2.96 2.18
N PHE A 53 -2.33 3.45 0.95
CA PHE A 53 -1.75 4.76 0.71
C PHE A 53 -2.65 5.87 1.25
N ILE A 54 -3.95 5.60 1.34
CA ILE A 54 -4.90 6.58 1.84
C ILE A 54 -4.50 7.05 3.24
N ASN A 55 -4.32 6.09 4.15
CA ASN A 55 -3.92 6.40 5.52
C ASN A 55 -2.42 6.66 5.60
N LYS A 56 -1.67 6.03 4.71
CA LYS A 56 -0.22 6.20 4.66
C LYS A 56 0.18 7.31 3.69
N ARG A 57 -0.80 8.10 3.26
CA ARG A 57 -0.55 9.18 2.33
C ARG A 57 -1.81 10.01 2.11
N MET A 58 -2.61 10.15 3.15
CA MET A 58 -3.85 10.92 3.06
C MET A 58 -3.57 12.34 2.57
N ARG A 59 -3.51 12.50 1.25
CA ARG A 59 -3.25 13.80 0.65
C ARG A 59 -4.38 14.77 0.95
N SER A 60 -5.62 14.29 0.80
CA SER A 60 -6.80 15.11 1.06
C SER A 60 -7.85 14.32 1.83
N LYS A 61 -8.18 13.14 1.34
CA LYS A 61 -9.17 12.29 1.99
C LYS A 61 -9.17 10.89 1.37
N LYS A 1 1.10 -18.49 -6.11
CA LYS A 1 -0.19 -18.31 -5.39
C LYS A 1 -0.18 -19.08 -4.07
N LYS A 2 -0.23 -18.34 -2.96
CA LYS A 2 -0.23 -18.94 -1.64
C LYS A 2 -1.52 -18.60 -0.88
N GLU A 3 -2.55 -18.21 -1.61
CA GLU A 3 -3.84 -17.85 -1.01
C GLU A 3 -3.66 -16.82 0.09
N LYS A 4 -3.69 -15.54 -0.29
CA LYS A 4 -3.54 -14.45 0.67
C LYS A 4 -4.89 -14.00 1.20
N SER A 5 -4.96 -13.78 2.51
CA SER A 5 -6.19 -13.35 3.16
C SER A 5 -5.92 -12.24 4.17
N PRO A 6 -5.47 -11.07 3.70
CA PRO A 6 -5.17 -9.92 4.56
C PRO A 6 -6.37 -9.54 5.43
N LYS A 7 -6.23 -9.72 6.74
CA LYS A 7 -7.30 -9.39 7.68
C LYS A 7 -7.17 -7.95 8.17
N GLY A 8 -6.20 -7.71 9.04
CA GLY A 8 -5.99 -6.37 9.57
C GLY A 8 -5.07 -6.35 10.78
N LYS A 9 -4.74 -5.16 11.25
CA LYS A 9 -3.86 -5.00 12.40
C LYS A 9 -2.49 -5.59 12.11
N SER A 10 -1.78 -5.00 11.14
CA SER A 10 -0.45 -5.47 10.77
C SER A 10 -0.50 -6.94 10.34
N SER A 11 -1.48 -7.28 9.53
CA SER A 11 -1.65 -8.65 9.05
C SER A 11 -0.37 -9.16 8.37
N ILE A 12 0.42 -8.24 7.83
CA ILE A 12 1.66 -8.60 7.16
C ILE A 12 2.86 -8.45 8.09
N SER A 13 4.00 -8.98 7.66
CA SER A 13 5.23 -8.89 8.43
C SER A 13 5.64 -7.43 8.57
N PRO A 14 6.81 -7.13 9.17
CA PRO A 14 7.27 -5.74 9.32
C PRO A 14 7.20 -5.00 7.99
N GLN A 15 7.22 -5.77 6.89
CA GLN A 15 7.13 -5.22 5.55
C GLN A 15 6.01 -4.20 5.45
N ALA A 16 5.00 -4.32 6.30
CA ALA A 16 3.89 -3.38 6.28
C ALA A 16 4.42 -1.96 6.18
N ARG A 17 5.27 -1.59 7.13
CA ARG A 17 5.89 -0.27 7.16
C ARG A 17 7.08 -0.20 6.20
N ALA A 18 7.82 -1.30 6.09
CA ALA A 18 8.98 -1.36 5.22
C ALA A 18 8.58 -1.25 3.76
N PHE A 19 7.68 -2.12 3.33
CA PHE A 19 7.20 -2.12 1.96
C PHE A 19 6.69 -0.73 1.58
N LEU A 20 5.86 -0.16 2.43
CA LEU A 20 5.33 1.18 2.18
C LEU A 20 6.44 2.20 2.37
N GLU A 21 7.35 1.93 3.31
CA GLU A 21 8.46 2.84 3.57
C GLU A 21 9.16 3.20 2.27
N GLN A 22 9.58 2.18 1.53
CA GLN A 22 10.26 2.38 0.26
C GLN A 22 9.27 2.91 -0.79
N VAL A 23 8.01 2.47 -0.69
CA VAL A 23 6.97 2.92 -1.63
C VAL A 23 6.82 4.43 -1.53
N PHE A 24 6.36 4.90 -0.38
CA PHE A 24 6.19 6.33 -0.14
C PHE A 24 7.52 7.06 -0.27
N ARG A 25 8.62 6.33 -0.17
CA ARG A 25 9.94 6.92 -0.29
C ARG A 25 10.23 7.32 -1.73
N ARG A 26 9.84 6.44 -2.65
CA ARG A 26 10.05 6.70 -4.07
C ARG A 26 9.29 7.96 -4.50
N LYS A 27 8.08 8.10 -4.00
CA LYS A 27 7.24 9.25 -4.31
C LYS A 27 6.02 9.28 -3.39
N GLN A 28 4.95 9.94 -3.82
CA GLN A 28 3.75 10.03 -2.99
C GLN A 28 2.49 9.76 -3.80
N SER A 29 2.37 10.46 -4.93
CA SER A 29 1.20 10.32 -5.78
C SER A 29 1.30 9.13 -6.74
N LEU A 30 1.06 7.93 -6.23
CA LEU A 30 1.11 6.73 -7.06
C LEU A 30 -0.15 6.65 -7.91
N ASN A 31 0.00 6.36 -9.20
CA ASN A 31 -1.14 6.26 -10.09
C ASN A 31 -1.56 4.80 -10.27
N SER A 32 -2.61 4.57 -11.05
CA SER A 32 -3.09 3.22 -11.30
C SER A 32 -1.95 2.32 -11.76
N LYS A 33 -0.95 2.94 -12.38
CA LYS A 33 0.22 2.24 -12.87
C LYS A 33 1.17 1.90 -11.74
N GLU A 34 1.52 2.92 -10.95
CA GLU A 34 2.41 2.74 -9.83
C GLU A 34 1.73 1.95 -8.74
N LYS A 35 0.45 2.23 -8.54
CA LYS A 35 -0.32 1.54 -7.53
C LYS A 35 -0.33 0.04 -7.82
N GLU A 36 -0.34 -0.31 -9.10
CA GLU A 36 -0.35 -1.71 -9.51
C GLU A 36 1.08 -2.22 -9.69
N GLU A 37 1.94 -1.36 -10.21
CA GLU A 37 3.34 -1.70 -10.42
C GLU A 37 4.10 -1.76 -9.09
N VAL A 38 3.71 -0.89 -8.18
CA VAL A 38 4.32 -0.81 -6.86
C VAL A 38 3.76 -1.89 -5.96
N ALA A 39 2.45 -2.14 -6.07
CA ALA A 39 1.79 -3.16 -5.26
C ALA A 39 2.32 -4.56 -5.56
N LYS A 40 2.76 -4.78 -6.79
CA LYS A 40 3.26 -6.09 -7.20
C LYS A 40 4.75 -6.26 -6.90
N LYS A 41 5.47 -5.16 -6.77
CA LYS A 41 6.89 -5.23 -6.49
C LYS A 41 7.19 -4.94 -5.02
N CYS A 42 6.37 -4.12 -4.40
CA CYS A 42 6.56 -3.76 -3.00
C CYS A 42 5.81 -4.73 -2.08
N GLY A 43 4.69 -5.28 -2.58
CA GLY A 43 3.93 -6.23 -1.79
C GLY A 43 2.55 -5.73 -1.43
N ILE A 44 2.04 -4.78 -2.19
CA ILE A 44 0.71 -4.24 -1.96
C ILE A 44 -0.26 -4.75 -3.03
N THR A 45 -1.39 -4.10 -3.18
CA THR A 45 -2.38 -4.51 -4.18
C THR A 45 -3.21 -3.33 -4.65
N PRO A 46 -3.78 -3.41 -5.88
CA PRO A 46 -4.60 -2.35 -6.44
C PRO A 46 -5.67 -1.86 -5.47
N LEU A 47 -6.07 -2.74 -4.56
CA LEU A 47 -7.08 -2.41 -3.56
C LEU A 47 -6.43 -1.78 -2.32
N GLN A 48 -5.18 -2.16 -2.07
CA GLN A 48 -4.44 -1.61 -0.93
C GLN A 48 -3.84 -0.26 -1.29
N VAL A 49 -3.02 -0.25 -2.33
CA VAL A 49 -2.38 0.98 -2.80
C VAL A 49 -3.30 2.19 -2.67
N ARG A 50 -4.59 1.99 -2.85
CA ARG A 50 -5.55 3.07 -2.74
C ARG A 50 -5.90 3.35 -1.28
N VAL A 51 -6.42 2.33 -0.59
CA VAL A 51 -6.79 2.49 0.82
C VAL A 51 -5.56 2.62 1.71
N TRP A 52 -4.59 1.77 1.46
CA TRP A 52 -3.35 1.77 2.22
C TRP A 52 -2.64 3.11 2.10
N PHE A 53 -2.35 3.55 0.88
CA PHE A 53 -1.70 4.83 0.67
C PHE A 53 -2.56 5.96 1.23
N ILE A 54 -3.87 5.76 1.27
CA ILE A 54 -4.77 6.79 1.79
C ILE A 54 -4.42 7.12 3.24
N ASN A 55 -4.33 6.10 4.07
CA ASN A 55 -4.01 6.29 5.49
C ASN A 55 -2.51 6.47 5.68
N LYS A 56 -1.71 5.71 4.94
CA LYS A 56 -0.26 5.79 5.04
C LYS A 56 0.28 7.04 4.36
N ARG A 57 -0.50 7.60 3.44
CA ARG A 57 -0.09 8.79 2.72
C ARG A 57 -1.23 9.81 2.64
N MET A 58 -2.10 9.82 3.64
CA MET A 58 -3.22 10.76 3.66
C MET A 58 -2.75 12.18 3.35
N ARG A 59 -2.79 12.54 2.08
CA ARG A 59 -2.35 13.86 1.64
C ARG A 59 -3.39 14.92 2.02
N SER A 60 -4.67 14.58 1.82
CA SER A 60 -5.77 15.47 2.14
C SER A 60 -5.45 16.92 1.78
N LYS A 61 -5.08 17.16 0.53
CA LYS A 61 -4.74 18.50 0.07
C LYS A 61 -3.56 19.06 0.85
N LYS A 1 -17.99 4.83 -1.70
CA LYS A 1 -17.94 3.95 -0.50
C LYS A 1 -18.31 4.72 0.76
N LYS A 2 -18.86 4.02 1.75
CA LYS A 2 -19.26 4.63 3.00
C LYS A 2 -18.88 3.74 4.19
N GLU A 3 -18.43 4.36 5.26
CA GLU A 3 -18.04 3.63 6.47
C GLU A 3 -16.94 2.62 6.16
N LYS A 4 -15.73 2.90 6.65
CA LYS A 4 -14.60 2.02 6.44
C LYS A 4 -14.88 0.61 6.94
N SER A 5 -14.68 -0.37 6.07
CA SER A 5 -14.92 -1.77 6.42
C SER A 5 -14.02 -2.20 7.58
N PRO A 6 -14.33 -3.35 8.21
CA PRO A 6 -13.55 -3.86 9.34
C PRO A 6 -12.14 -4.27 8.92
N LYS A 7 -11.19 -4.15 9.85
CA LYS A 7 -9.81 -4.52 9.57
C LYS A 7 -9.29 -5.50 10.62
N GLY A 8 -8.31 -6.32 10.22
CA GLY A 8 -7.74 -7.29 11.14
C GLY A 8 -6.40 -6.84 11.68
N LYS A 9 -6.13 -7.18 12.94
CA LYS A 9 -4.86 -6.81 13.56
C LYS A 9 -3.69 -7.40 12.81
N SER A 10 -2.50 -6.88 13.07
CA SER A 10 -1.28 -7.35 12.40
C SER A 10 -1.27 -6.95 10.93
N SER A 11 -2.23 -7.47 10.18
CA SER A 11 -2.33 -7.16 8.74
C SER A 11 -1.22 -7.85 7.96
N ILE A 12 0.03 -7.46 8.23
CA ILE A 12 1.18 -8.04 7.55
C ILE A 12 2.44 -7.90 8.40
N SER A 13 3.49 -8.60 7.98
CA SER A 13 4.77 -8.56 8.68
C SER A 13 5.26 -7.12 8.79
N PRO A 14 6.46 -6.87 9.35
CA PRO A 14 6.99 -5.51 9.46
C PRO A 14 6.94 -4.79 8.12
N GLN A 15 6.93 -5.58 7.05
CA GLN A 15 6.85 -5.06 5.69
C GLN A 15 5.75 -4.01 5.57
N ALA A 16 4.73 -4.11 6.41
CA ALA A 16 3.64 -3.14 6.37
C ALA A 16 4.20 -1.73 6.22
N ARG A 17 5.05 -1.34 7.17
CA ARG A 17 5.67 -0.04 7.15
C ARG A 17 6.89 -0.04 6.22
N ALA A 18 7.59 -1.17 6.16
CA ALA A 18 8.78 -1.30 5.32
C ALA A 18 8.42 -1.22 3.86
N PHE A 19 7.53 -2.11 3.42
CA PHE A 19 7.09 -2.12 2.03
C PHE A 19 6.59 -0.73 1.64
N LEU A 20 5.75 -0.16 2.49
CA LEU A 20 5.22 1.17 2.24
C LEU A 20 6.34 2.20 2.36
N GLU A 21 7.23 1.99 3.33
CA GLU A 21 8.36 2.90 3.54
C GLU A 21 9.03 3.21 2.22
N GLN A 22 9.56 2.18 1.57
CA GLN A 22 10.22 2.34 0.28
C GLN A 22 9.22 2.82 -0.77
N VAL A 23 7.98 2.36 -0.66
CA VAL A 23 6.92 2.76 -1.60
C VAL A 23 6.77 4.28 -1.58
N PHE A 24 6.33 4.80 -0.45
CA PHE A 24 6.14 6.24 -0.28
C PHE A 24 7.48 6.97 -0.43
N ARG A 25 8.58 6.22 -0.36
CA ARG A 25 9.91 6.80 -0.48
C ARG A 25 10.28 7.03 -1.95
N ARG A 26 9.85 6.11 -2.81
CA ARG A 26 10.12 6.21 -4.23
C ARG A 26 9.54 7.50 -4.80
N LYS A 27 8.37 7.86 -4.30
CA LYS A 27 7.70 9.09 -4.74
C LYS A 27 6.54 9.42 -3.79
N GLN A 28 5.44 9.95 -4.33
CA GLN A 28 4.29 10.31 -3.50
C GLN A 28 2.98 10.09 -4.23
N SER A 29 2.91 10.58 -5.45
CA SER A 29 1.69 10.47 -6.25
C SER A 29 1.60 9.13 -6.98
N LEU A 30 1.35 8.07 -6.21
CA LEU A 30 1.20 6.74 -6.79
C LEU A 30 -0.14 6.62 -7.51
N ASN A 31 -0.10 6.54 -8.84
CA ASN A 31 -1.33 6.44 -9.63
C ASN A 31 -1.66 4.99 -9.94
N SER A 32 -2.76 4.77 -10.66
CA SER A 32 -3.21 3.43 -11.02
C SER A 32 -2.05 2.57 -11.53
N LYS A 33 -1.07 3.22 -12.16
CA LYS A 33 0.09 2.51 -12.68
C LYS A 33 1.07 2.16 -11.58
N GLU A 34 1.39 3.14 -10.76
CA GLU A 34 2.31 2.94 -9.64
C GLU A 34 1.64 2.11 -8.57
N LYS A 35 0.36 2.34 -8.37
CA LYS A 35 -0.39 1.60 -7.38
C LYS A 35 -0.37 0.12 -7.71
N GLU A 36 -0.38 -0.19 -9.00
CA GLU A 36 -0.35 -1.57 -9.47
C GLU A 36 1.08 -2.05 -9.66
N GLU A 37 1.93 -1.14 -10.15
CA GLU A 37 3.34 -1.44 -10.38
C GLU A 37 4.10 -1.53 -9.06
N VAL A 38 3.69 -0.69 -8.11
CA VAL A 38 4.30 -0.66 -6.79
C VAL A 38 3.79 -1.80 -5.92
N ALA A 39 2.49 -2.05 -6.03
CA ALA A 39 1.86 -3.12 -5.26
C ALA A 39 2.45 -4.49 -5.59
N LYS A 40 2.89 -4.66 -6.82
CA LYS A 40 3.44 -5.93 -7.27
C LYS A 40 4.94 -6.05 -6.99
N LYS A 41 5.62 -4.92 -6.80
CA LYS A 41 7.06 -4.93 -6.54
C LYS A 41 7.37 -4.66 -5.07
N CYS A 42 6.44 -4.01 -4.38
CA CYS A 42 6.64 -3.69 -2.98
C CYS A 42 5.91 -4.68 -2.08
N GLY A 43 4.81 -5.25 -2.59
CA GLY A 43 4.07 -6.21 -1.80
C GLY A 43 2.66 -5.77 -1.46
N ILE A 44 2.14 -4.80 -2.21
CA ILE A 44 0.78 -4.32 -1.96
C ILE A 44 -0.16 -4.83 -3.05
N THR A 45 -1.36 -4.26 -3.13
CA THR A 45 -2.33 -4.67 -4.13
C THR A 45 -3.15 -3.49 -4.62
N PRO A 46 -3.70 -3.58 -5.84
CA PRO A 46 -4.52 -2.52 -6.43
C PRO A 46 -5.60 -2.02 -5.49
N LEU A 47 -6.02 -2.88 -4.57
CA LEU A 47 -7.06 -2.53 -3.60
C LEU A 47 -6.44 -1.91 -2.35
N GLN A 48 -5.18 -2.29 -2.07
CA GLN A 48 -4.47 -1.76 -0.91
C GLN A 48 -3.90 -0.39 -1.25
N VAL A 49 -3.06 -0.36 -2.26
CA VAL A 49 -2.42 0.88 -2.70
C VAL A 49 -3.36 2.07 -2.59
N ARG A 50 -4.64 1.85 -2.83
CA ARG A 50 -5.62 2.92 -2.74
C ARG A 50 -5.98 3.21 -1.29
N VAL A 51 -6.57 2.23 -0.60
CA VAL A 51 -6.96 2.39 0.80
C VAL A 51 -5.74 2.46 1.72
N TRP A 52 -4.82 1.54 1.52
CA TRP A 52 -3.61 1.46 2.31
C TRP A 52 -2.85 2.78 2.24
N PHE A 53 -2.65 3.30 1.03
CA PHE A 53 -1.93 4.58 0.87
C PHE A 53 -2.73 5.72 1.51
N ILE A 54 -4.06 5.64 1.47
CA ILE A 54 -4.89 6.69 2.05
C ILE A 54 -4.41 7.03 3.46
N ASN A 55 -4.30 6.01 4.30
CA ASN A 55 -3.85 6.19 5.68
C ASN A 55 -2.35 6.38 5.76
N LYS A 56 -1.62 5.70 4.86
CA LYS A 56 -0.16 5.79 4.83
C LYS A 56 0.30 6.83 3.81
N ARG A 57 -0.57 7.78 3.49
CA ARG A 57 -0.25 8.83 2.53
C ARG A 57 -1.41 9.80 2.37
N MET A 58 -2.21 9.98 3.42
CA MET A 58 -3.35 10.89 3.38
C MET A 58 -2.91 12.27 2.89
N ARG A 59 -2.86 12.44 1.57
CA ARG A 59 -2.44 13.68 0.97
C ARG A 59 -3.51 14.76 1.15
N SER A 60 -4.76 14.41 0.81
CA SER A 60 -5.86 15.35 0.94
C SER A 60 -7.08 14.67 1.55
N LYS A 61 -8.12 15.45 1.83
CA LYS A 61 -9.35 14.92 2.42
C LYS A 61 -9.07 14.30 3.78
N LYS A 1 -12.65 -4.57 -7.24
CA LYS A 1 -12.29 -5.69 -6.34
C LYS A 1 -11.94 -6.95 -7.12
N LYS A 2 -12.75 -7.25 -8.13
CA LYS A 2 -12.53 -8.43 -8.95
C LYS A 2 -12.57 -9.70 -8.11
N GLU A 3 -12.26 -10.83 -8.74
CA GLU A 3 -12.26 -12.12 -8.05
C GLU A 3 -10.95 -12.34 -7.32
N LYS A 4 -11.05 -12.66 -6.03
CA LYS A 4 -9.86 -12.91 -5.22
C LYS A 4 -10.21 -13.75 -3.99
N SER A 5 -9.58 -14.90 -3.87
CA SER A 5 -9.82 -15.81 -2.74
C SER A 5 -9.17 -15.27 -1.47
N PRO A 6 -7.86 -14.95 -1.52
CA PRO A 6 -7.13 -14.43 -0.37
C PRO A 6 -7.79 -13.20 0.23
N LYS A 7 -7.66 -13.03 1.54
CA LYS A 7 -8.25 -11.90 2.23
C LYS A 7 -7.37 -10.66 2.09
N GLY A 8 -6.06 -10.86 2.11
CA GLY A 8 -5.13 -9.76 1.98
C GLY A 8 -3.98 -9.85 2.96
N LYS A 9 -4.18 -10.58 4.06
CA LYS A 9 -3.15 -10.72 5.08
C LYS A 9 -2.75 -9.38 5.65
N SER A 10 -3.68 -8.73 6.35
CA SER A 10 -3.43 -7.43 6.94
C SER A 10 -2.25 -7.49 7.91
N SER A 11 -2.17 -8.58 8.66
CA SER A 11 -1.09 -8.76 9.62
C SER A 11 0.16 -9.33 8.95
N ILE A 12 0.81 -8.51 8.13
CA ILE A 12 2.01 -8.93 7.42
C ILE A 12 3.25 -8.67 8.27
N SER A 13 4.37 -9.26 7.86
CA SER A 13 5.64 -9.08 8.56
C SER A 13 5.95 -7.59 8.70
N PRO A 14 7.12 -7.22 9.26
CA PRO A 14 7.49 -5.81 9.41
C PRO A 14 7.42 -5.08 8.07
N GLN A 15 7.48 -5.86 6.99
CA GLN A 15 7.41 -5.32 5.65
C GLN A 15 6.17 -4.44 5.48
N ALA A 16 5.15 -4.66 6.30
CA ALA A 16 3.95 -3.84 6.21
C ALA A 16 4.32 -2.37 6.10
N ARG A 17 5.05 -1.87 7.09
CA ARG A 17 5.50 -0.49 7.11
C ARG A 17 6.74 -0.31 6.23
N ALA A 18 7.59 -1.32 6.22
CA ALA A 18 8.83 -1.28 5.43
C ALA A 18 8.53 -1.23 3.94
N PHE A 19 7.69 -2.17 3.47
CA PHE A 19 7.32 -2.24 2.08
C PHE A 19 6.73 -0.92 1.62
N LEU A 20 5.79 -0.40 2.40
CA LEU A 20 5.17 0.87 2.04
C LEU A 20 6.12 2.02 2.33
N GLU A 21 7.01 1.82 3.30
CA GLU A 21 8.00 2.84 3.64
C GLU A 21 8.77 3.24 2.40
N GLN A 22 9.42 2.27 1.79
CA GLN A 22 10.18 2.49 0.56
C GLN A 22 9.24 2.96 -0.55
N VAL A 23 8.00 2.46 -0.51
CA VAL A 23 7.00 2.82 -1.51
C VAL A 23 6.74 4.33 -1.48
N PHE A 24 6.32 4.82 -0.32
CA PHE A 24 6.03 6.24 -0.14
C PHE A 24 7.32 7.06 -0.18
N ARG A 25 8.46 6.37 -0.08
CA ARG A 25 9.76 7.04 -0.11
C ARG A 25 10.19 7.30 -1.55
N ARG A 26 9.87 6.37 -2.43
CA ARG A 26 10.21 6.49 -3.85
C ARG A 26 9.57 7.73 -4.44
N LYS A 27 8.34 7.99 -4.03
CA LYS A 27 7.59 9.16 -4.50
C LYS A 27 6.40 9.44 -3.60
N GLN A 28 5.30 9.95 -4.16
CA GLN A 28 4.13 10.26 -3.35
C GLN A 28 2.83 10.04 -4.14
N SER A 29 2.80 10.57 -5.35
CA SER A 29 1.61 10.46 -6.20
C SER A 29 1.55 9.13 -6.95
N LEU A 30 1.24 8.06 -6.24
CA LEU A 30 1.14 6.74 -6.86
C LEU A 30 -0.16 6.65 -7.65
N ASN A 31 -0.05 6.48 -8.97
CA ASN A 31 -1.23 6.39 -9.83
C ASN A 31 -1.63 4.93 -10.06
N SER A 32 -2.73 4.73 -10.78
CA SER A 32 -3.23 3.39 -11.08
C SER A 32 -2.10 2.49 -11.59
N LYS A 33 -1.12 3.11 -12.23
CA LYS A 33 0.02 2.37 -12.77
C LYS A 33 1.01 2.02 -11.67
N GLU A 34 1.35 3.01 -10.87
CA GLU A 34 2.28 2.82 -9.78
C GLU A 34 1.61 2.02 -8.67
N LYS A 35 0.35 2.26 -8.46
CA LYS A 35 -0.40 1.54 -7.44
C LYS A 35 -0.41 0.04 -7.76
N GLU A 36 -0.45 -0.27 -9.04
CA GLU A 36 -0.45 -1.66 -9.48
C GLU A 36 0.98 -2.16 -9.69
N GLU A 37 1.83 -1.27 -10.18
CA GLU A 37 3.23 -1.59 -10.43
C GLU A 37 4.00 -1.67 -9.12
N VAL A 38 3.63 -0.80 -8.19
CA VAL A 38 4.26 -0.75 -6.88
C VAL A 38 3.73 -1.86 -5.98
N ALA A 39 2.43 -2.11 -6.09
CA ALA A 39 1.80 -3.15 -5.28
C ALA A 39 2.36 -4.53 -5.59
N LYS A 40 2.76 -4.75 -6.85
CA LYS A 40 3.28 -6.04 -7.27
C LYS A 40 4.78 -6.17 -7.05
N LYS A 41 5.48 -5.05 -6.91
CA LYS A 41 6.92 -5.09 -6.70
C LYS A 41 7.28 -4.78 -5.25
N CYS A 42 6.41 -4.06 -4.55
CA CYS A 42 6.66 -3.70 -3.17
C CYS A 42 5.95 -4.66 -2.21
N GLY A 43 4.84 -5.24 -2.66
CA GLY A 43 4.12 -6.18 -1.82
C GLY A 43 2.72 -5.71 -1.45
N ILE A 44 2.15 -4.83 -2.25
CA ILE A 44 0.80 -4.34 -1.99
C ILE A 44 -0.16 -4.86 -3.05
N THR A 45 -1.34 -4.24 -3.15
CA THR A 45 -2.32 -4.65 -4.14
C THR A 45 -3.16 -3.46 -4.61
N PRO A 46 -3.75 -3.57 -5.82
CA PRO A 46 -4.57 -2.49 -6.39
C PRO A 46 -5.64 -2.00 -5.41
N LEU A 47 -6.01 -2.86 -4.47
CA LEU A 47 -7.02 -2.51 -3.47
C LEU A 47 -6.37 -1.92 -2.23
N GLN A 48 -5.12 -2.31 -1.97
CA GLN A 48 -4.39 -1.81 -0.82
C GLN A 48 -3.82 -0.44 -1.16
N VAL A 49 -3.01 -0.40 -2.21
CA VAL A 49 -2.38 0.83 -2.66
C VAL A 49 -3.29 2.05 -2.47
N ARG A 50 -4.59 1.86 -2.68
CA ARG A 50 -5.53 2.96 -2.52
C ARG A 50 -5.83 3.20 -1.04
N VAL A 51 -6.31 2.18 -0.34
CA VAL A 51 -6.63 2.29 1.08
C VAL A 51 -5.36 2.47 1.91
N TRP A 52 -4.36 1.67 1.61
CA TRP A 52 -3.09 1.70 2.31
C TRP A 52 -2.41 3.06 2.17
N PHE A 53 -2.25 3.53 0.93
CA PHE A 53 -1.63 4.83 0.69
C PHE A 53 -2.52 5.95 1.22
N ILE A 54 -3.83 5.72 1.25
CA ILE A 54 -4.77 6.72 1.73
C ILE A 54 -4.40 7.16 3.15
N ASN A 55 -4.24 6.18 4.04
CA ASN A 55 -3.86 6.47 5.42
C ASN A 55 -2.38 6.78 5.51
N LYS A 56 -1.61 6.18 4.60
CA LYS A 56 -0.16 6.38 4.56
C LYS A 56 0.19 7.49 3.57
N ARG A 57 -0.78 8.33 3.24
CA ARG A 57 -0.58 9.43 2.31
C ARG A 57 -1.87 10.24 2.14
N MET A 58 -2.66 10.35 3.20
CA MET A 58 -3.90 11.11 3.15
C MET A 58 -3.64 12.55 2.77
N ARG A 59 -3.39 12.78 1.48
CA ARG A 59 -3.10 14.12 0.97
C ARG A 59 -4.30 15.04 1.18
N SER A 60 -5.51 14.51 1.00
CA SER A 60 -6.72 15.29 1.17
C SER A 60 -7.72 14.57 2.06
N LYS A 61 -8.07 13.34 1.70
CA LYS A 61 -9.02 12.55 2.48
C LYS A 61 -8.60 12.45 3.94
N LYS A 1 -13.40 -20.10 2.69
CA LYS A 1 -12.01 -19.59 2.51
C LYS A 1 -11.99 -18.39 1.57
N LYS A 2 -12.99 -17.52 1.68
CA LYS A 2 -13.08 -16.34 0.84
C LYS A 2 -12.78 -15.08 1.64
N GLU A 3 -13.06 -15.11 2.94
CA GLU A 3 -12.83 -13.97 3.81
C GLU A 3 -12.28 -14.43 5.16
N LYS A 4 -11.46 -13.56 5.77
CA LYS A 4 -10.86 -13.87 7.06
C LYS A 4 -11.83 -13.53 8.19
N SER A 5 -11.51 -13.98 9.40
CA SER A 5 -12.35 -13.73 10.55
C SER A 5 -12.39 -12.24 10.90
N PRO A 6 -11.21 -11.60 11.02
CA PRO A 6 -11.11 -10.17 11.35
C PRO A 6 -11.53 -9.29 10.17
N LYS A 7 -12.77 -9.44 9.74
CA LYS A 7 -13.30 -8.65 8.62
C LYS A 7 -12.61 -9.02 7.31
N GLY A 8 -11.34 -8.65 7.19
CA GLY A 8 -10.59 -8.96 5.99
C GLY A 8 -9.45 -7.99 5.75
N LYS A 9 -8.25 -8.36 6.21
CA LYS A 9 -7.08 -7.51 6.05
C LYS A 9 -5.80 -8.34 6.20
N SER A 10 -5.72 -9.12 7.28
CA SER A 10 -4.57 -9.96 7.53
C SER A 10 -3.31 -9.10 7.70
N SER A 11 -2.77 -9.07 8.91
CA SER A 11 -1.57 -8.29 9.20
C SER A 11 -0.35 -8.93 8.53
N ILE A 12 0.47 -8.10 7.91
CA ILE A 12 1.67 -8.58 7.24
C ILE A 12 2.91 -8.42 8.10
N SER A 13 3.99 -9.08 7.72
CA SER A 13 5.26 -9.01 8.45
C SER A 13 5.70 -7.56 8.57
N PRO A 14 6.90 -7.28 9.13
CA PRO A 14 7.40 -5.91 9.27
C PRO A 14 7.31 -5.16 7.94
N GLN A 15 7.31 -5.94 6.86
CA GLN A 15 7.22 -5.39 5.51
C GLN A 15 6.05 -4.41 5.40
N ALA A 16 5.07 -4.53 6.27
CA ALA A 16 3.94 -3.62 6.24
C ALA A 16 4.44 -2.18 6.15
N ARG A 17 5.27 -1.79 7.11
CA ARG A 17 5.85 -0.45 7.14
C ARG A 17 7.06 -0.36 6.21
N ALA A 18 7.80 -1.46 6.11
CA ALA A 18 8.99 -1.51 5.27
C ALA A 18 8.63 -1.40 3.79
N PHE A 19 7.64 -2.19 3.36
CA PHE A 19 7.20 -2.17 1.98
C PHE A 19 6.72 -0.78 1.61
N LEU A 20 5.93 -0.17 2.49
CA LEU A 20 5.45 1.17 2.25
C LEU A 20 6.56 2.18 2.49
N GLU A 21 7.45 1.86 3.41
CA GLU A 21 8.58 2.73 3.73
C GLU A 21 9.31 3.11 2.45
N GLN A 22 9.52 2.11 1.61
CA GLN A 22 10.20 2.33 0.33
C GLN A 22 9.23 2.87 -0.72
N VAL A 23 7.94 2.53 -0.57
CA VAL A 23 6.92 3.02 -1.50
C VAL A 23 6.75 4.53 -1.37
N PHE A 24 6.29 4.96 -0.20
CA PHE A 24 6.09 6.38 0.07
C PHE A 24 7.40 7.15 -0.06
N ARG A 25 8.51 6.46 0.16
CA ARG A 25 9.83 7.06 0.07
C ARG A 25 10.24 7.23 -1.39
N ARG A 26 9.98 6.19 -2.19
CA ARG A 26 10.33 6.23 -3.61
C ARG A 26 9.62 7.38 -4.29
N LYS A 27 8.36 7.59 -3.92
CA LYS A 27 7.55 8.67 -4.48
C LYS A 27 6.32 8.93 -3.61
N GLN A 28 5.32 9.57 -4.18
CA GLN A 28 4.10 9.88 -3.43
C GLN A 28 2.86 9.72 -4.29
N SER A 29 2.93 10.28 -5.50
CA SER A 29 1.81 10.25 -6.42
C SER A 29 1.64 8.87 -7.06
N LEU A 30 1.17 7.91 -6.27
CA LEU A 30 0.94 6.56 -6.77
C LEU A 30 -0.36 6.52 -7.58
N ASN A 31 -0.23 6.36 -8.89
CA ASN A 31 -1.41 6.31 -9.76
C ASN A 31 -1.81 4.87 -10.02
N SER A 32 -2.86 4.67 -10.81
CA SER A 32 -3.32 3.32 -11.13
C SER A 32 -2.17 2.46 -11.61
N LYS A 33 -1.18 3.12 -12.21
CA LYS A 33 0.00 2.44 -12.73
C LYS A 33 0.97 2.10 -11.60
N GLU A 34 1.28 3.09 -10.78
CA GLU A 34 2.19 2.91 -9.67
C GLU A 34 1.53 2.07 -8.59
N LYS A 35 0.25 2.31 -8.40
CA LYS A 35 -0.51 1.58 -7.40
C LYS A 35 -0.49 0.08 -7.72
N GLU A 36 -0.50 -0.23 -9.02
CA GLU A 36 -0.48 -1.61 -9.47
C GLU A 36 0.96 -2.10 -9.67
N GLU A 37 1.80 -1.19 -10.16
CA GLU A 37 3.20 -1.50 -10.41
C GLU A 37 3.99 -1.57 -9.11
N VAL A 38 3.63 -0.70 -8.17
CA VAL A 38 4.28 -0.65 -6.87
C VAL A 38 3.75 -1.76 -5.98
N ALA A 39 2.45 -2.01 -6.05
CA ALA A 39 1.82 -3.05 -5.25
C ALA A 39 2.40 -4.43 -5.59
N LYS A 40 2.80 -4.61 -6.83
CA LYS A 40 3.36 -5.88 -7.28
C LYS A 40 4.87 -5.97 -7.05
N LYS A 41 5.53 -4.82 -6.91
CA LYS A 41 6.98 -4.80 -6.70
C LYS A 41 7.34 -4.55 -5.24
N CYS A 42 6.44 -3.88 -4.52
CA CYS A 42 6.69 -3.57 -3.11
C CYS A 42 5.99 -4.58 -2.20
N GLY A 43 4.89 -5.15 -2.67
CA GLY A 43 4.16 -6.12 -1.87
C GLY A 43 2.76 -5.69 -1.50
N ILE A 44 2.21 -4.73 -2.24
CA ILE A 44 0.86 -4.25 -1.97
C ILE A 44 -0.09 -4.78 -3.04
N THR A 45 -1.27 -4.18 -3.14
CA THR A 45 -2.26 -4.62 -4.12
C THR A 45 -3.11 -3.45 -4.62
N PRO A 46 -3.71 -3.58 -5.81
CA PRO A 46 -4.56 -2.53 -6.39
C PRO A 46 -5.63 -2.05 -5.42
N LEU A 47 -5.98 -2.90 -4.47
CA LEU A 47 -6.99 -2.56 -3.47
C LEU A 47 -6.35 -1.93 -2.25
N GLN A 48 -5.10 -2.27 -2.00
CA GLN A 48 -4.37 -1.72 -0.87
C GLN A 48 -3.84 -0.35 -1.22
N VAL A 49 -3.00 -0.29 -2.25
CA VAL A 49 -2.42 0.96 -2.72
C VAL A 49 -3.37 2.14 -2.59
N ARG A 50 -4.66 1.89 -2.74
CA ARG A 50 -5.65 2.96 -2.62
C ARG A 50 -5.98 3.21 -1.15
N VAL A 51 -6.49 2.19 -0.46
CA VAL A 51 -6.84 2.33 0.95
C VAL A 51 -5.60 2.51 1.82
N TRP A 52 -4.58 1.72 1.52
CA TRP A 52 -3.33 1.75 2.26
C TRP A 52 -2.65 3.12 2.12
N PHE A 53 -2.45 3.57 0.89
CA PHE A 53 -1.83 4.87 0.66
C PHE A 53 -2.73 6.00 1.16
N ILE A 54 -4.03 5.74 1.22
CA ILE A 54 -4.98 6.75 1.69
C ILE A 54 -4.58 7.27 3.07
N ASN A 55 -4.50 6.37 4.04
CA ASN A 55 -4.12 6.74 5.40
C ASN A 55 -2.62 6.92 5.53
N LYS A 56 -1.87 6.15 4.75
CA LYS A 56 -0.41 6.23 4.78
C LYS A 56 0.11 7.34 3.85
N ARG A 57 -0.81 8.05 3.21
CA ARG A 57 -0.43 9.12 2.29
C ARG A 57 -1.63 10.01 1.97
N MET A 58 -2.48 10.23 2.97
CA MET A 58 -3.66 11.07 2.79
C MET A 58 -3.27 12.50 2.41
N ARG A 59 -2.84 12.68 1.18
CA ARG A 59 -2.43 13.99 0.70
C ARG A 59 -3.62 14.92 0.58
N SER A 60 -4.71 14.39 0.05
CA SER A 60 -5.94 15.17 -0.13
C SER A 60 -6.40 15.77 1.19
N LYS A 61 -6.73 17.06 1.17
CA LYS A 61 -7.18 17.76 2.37
C LYS A 61 -8.11 18.91 2.00
N LYS A 1 -12.68 -14.24 10.30
CA LYS A 1 -13.10 -13.52 11.54
C LYS A 1 -14.57 -13.09 11.44
N LYS A 2 -15.03 -12.36 12.45
CA LYS A 2 -16.40 -11.89 12.50
C LYS A 2 -16.71 -11.00 11.30
N GLU A 3 -15.76 -10.16 10.93
CA GLU A 3 -15.93 -9.26 9.79
C GLU A 3 -14.65 -8.47 9.52
N LYS A 4 -14.30 -7.57 10.43
CA LYS A 4 -13.11 -6.75 10.29
C LYS A 4 -11.95 -7.31 11.11
N SER A 5 -10.78 -6.70 10.98
CA SER A 5 -9.61 -7.14 11.73
C SER A 5 -9.25 -8.58 11.37
N PRO A 6 -8.89 -8.82 10.10
CA PRO A 6 -8.51 -10.16 9.62
C PRO A 6 -7.46 -10.82 10.51
N LYS A 7 -6.54 -10.00 11.02
CA LYS A 7 -5.47 -10.50 11.88
C LYS A 7 -5.05 -9.45 12.90
N GLY A 8 -4.29 -9.88 13.90
CA GLY A 8 -3.84 -8.95 14.93
C GLY A 8 -2.48 -8.36 14.61
N LYS A 9 -2.11 -7.31 15.34
CA LYS A 9 -0.82 -6.65 15.12
C LYS A 9 -0.73 -6.10 13.71
N SER A 10 -1.26 -4.89 13.51
CA SER A 10 -1.24 -4.24 12.21
C SER A 10 -1.95 -5.10 11.16
N SER A 11 -1.23 -6.06 10.59
CA SER A 11 -1.81 -6.95 9.58
C SER A 11 -0.73 -7.81 8.95
N ILE A 12 0.13 -7.19 8.14
CA ILE A 12 1.22 -7.90 7.48
C ILE A 12 2.50 -7.85 8.31
N SER A 13 3.49 -8.65 7.90
CA SER A 13 4.78 -8.69 8.59
C SER A 13 5.37 -7.29 8.68
N PRO A 14 6.60 -7.12 9.21
CA PRO A 14 7.23 -5.80 9.31
C PRO A 14 7.16 -5.05 7.98
N GLN A 15 7.06 -5.82 6.91
CA GLN A 15 6.97 -5.25 5.56
C GLN A 15 5.91 -4.16 5.52
N ALA A 16 4.92 -4.24 6.40
CA ALA A 16 3.88 -3.22 6.45
C ALA A 16 4.49 -1.83 6.36
N ARG A 17 5.42 -1.56 7.27
CA ARG A 17 6.11 -0.28 7.31
C ARG A 17 7.27 -0.26 6.30
N ALA A 18 7.93 -1.41 6.14
CA ALA A 18 9.04 -1.53 5.21
C ALA A 18 8.59 -1.37 3.76
N PHE A 19 7.66 -2.22 3.34
CA PHE A 19 7.13 -2.16 1.99
C PHE A 19 6.64 -0.76 1.67
N LEU A 20 5.83 -0.21 2.58
CA LEU A 20 5.32 1.14 2.40
C LEU A 20 6.44 2.15 2.53
N GLU A 21 7.41 1.86 3.40
CA GLU A 21 8.55 2.74 3.60
C GLU A 21 9.17 3.12 2.26
N GLN A 22 9.61 2.10 1.54
CA GLN A 22 10.22 2.31 0.22
C GLN A 22 9.19 2.83 -0.77
N VAL A 23 7.95 2.36 -0.67
CA VAL A 23 6.89 2.82 -1.56
C VAL A 23 6.76 4.34 -1.49
N PHE A 24 6.30 4.83 -0.34
CA PHE A 24 6.14 6.25 -0.12
C PHE A 24 7.48 6.99 -0.29
N ARG A 25 8.57 6.24 -0.26
CA ARG A 25 9.91 6.82 -0.42
C ARG A 25 10.23 7.09 -1.89
N ARG A 26 9.79 6.18 -2.76
CA ARG A 26 10.04 6.33 -4.19
C ARG A 26 9.44 7.62 -4.71
N LYS A 27 8.28 7.98 -4.19
CA LYS A 27 7.60 9.20 -4.59
C LYS A 27 6.47 9.53 -3.63
N GLN A 28 5.36 10.08 -4.13
CA GLN A 28 4.25 10.45 -3.25
C GLN A 28 2.90 10.15 -3.90
N SER A 29 2.74 10.61 -5.13
CA SER A 29 1.48 10.43 -5.86
C SER A 29 1.49 9.18 -6.74
N LEU A 30 1.29 8.01 -6.13
CA LEU A 30 1.25 6.77 -6.87
C LEU A 30 -0.05 6.69 -7.67
N ASN A 31 0.05 6.50 -8.99
CA ASN A 31 -1.14 6.42 -9.83
C ASN A 31 -1.53 4.98 -10.10
N SER A 32 -2.64 4.78 -10.82
CA SER A 32 -3.14 3.44 -11.15
C SER A 32 -2.01 2.53 -11.63
N LYS A 33 -1.01 3.12 -12.26
CA LYS A 33 0.12 2.35 -12.76
C LYS A 33 1.09 2.02 -11.65
N GLU A 34 1.42 3.03 -10.84
CA GLU A 34 2.33 2.84 -9.72
C GLU A 34 1.66 2.03 -8.64
N LYS A 35 0.37 2.28 -8.44
CA LYS A 35 -0.39 1.56 -7.44
C LYS A 35 -0.37 0.06 -7.75
N GLU A 36 -0.38 -0.27 -9.04
CA GLU A 36 -0.36 -1.65 -9.47
C GLU A 36 1.07 -2.14 -9.64
N GLU A 37 1.92 -1.25 -10.14
CA GLU A 37 3.33 -1.58 -10.37
C GLU A 37 4.08 -1.65 -9.04
N VAL A 38 3.68 -0.78 -8.11
CA VAL A 38 4.28 -0.73 -6.79
C VAL A 38 3.72 -1.84 -5.90
N ALA A 39 2.43 -2.10 -6.04
CA ALA A 39 1.79 -3.14 -5.26
C ALA A 39 2.34 -4.53 -5.60
N LYS A 40 2.75 -4.71 -6.85
CA LYS A 40 3.29 -5.99 -7.29
C LYS A 40 4.80 -6.09 -7.06
N LYS A 41 5.46 -4.95 -6.88
CA LYS A 41 6.91 -4.95 -6.66
C LYS A 41 7.26 -4.72 -5.19
N CYS A 42 6.36 -4.04 -4.47
CA CYS A 42 6.59 -3.76 -3.06
C CYS A 42 5.87 -4.77 -2.17
N GLY A 43 4.78 -5.33 -2.67
CA GLY A 43 4.05 -6.32 -1.88
C GLY A 43 2.65 -5.87 -1.50
N ILE A 44 2.09 -4.92 -2.26
CA ILE A 44 0.76 -4.43 -1.99
C ILE A 44 -0.20 -4.91 -3.09
N THR A 45 -1.37 -4.29 -3.17
CA THR A 45 -2.36 -4.67 -4.19
C THR A 45 -3.19 -3.47 -4.62
N PRO A 46 -3.72 -3.48 -5.85
CA PRO A 46 -4.55 -2.38 -6.37
C PRO A 46 -5.62 -1.95 -5.38
N LEU A 47 -6.03 -2.87 -4.53
CA LEU A 47 -7.05 -2.58 -3.53
C LEU A 47 -6.42 -1.95 -2.28
N GLN A 48 -5.17 -2.31 -2.02
CA GLN A 48 -4.45 -1.77 -0.88
C GLN A 48 -3.89 -0.41 -1.23
N VAL A 49 -3.08 -0.37 -2.28
CA VAL A 49 -2.46 0.86 -2.74
C VAL A 49 -3.38 2.07 -2.60
N ARG A 50 -4.68 1.85 -2.76
CA ARG A 50 -5.64 2.94 -2.64
C ARG A 50 -6.00 3.19 -1.17
N VAL A 51 -6.47 2.15 -0.49
CA VAL A 51 -6.85 2.27 0.93
C VAL A 51 -5.61 2.45 1.80
N TRP A 52 -4.59 1.68 1.50
CA TRP A 52 -3.34 1.71 2.24
C TRP A 52 -2.66 3.08 2.11
N PHE A 53 -2.42 3.52 0.87
CA PHE A 53 -1.80 4.81 0.64
C PHE A 53 -2.70 5.94 1.13
N ILE A 54 -3.99 5.64 1.31
CA ILE A 54 -4.94 6.65 1.77
C ILE A 54 -4.58 7.09 3.20
N ASN A 55 -4.49 6.14 4.11
CA ASN A 55 -4.15 6.43 5.49
C ASN A 55 -2.66 6.68 5.65
N LYS A 56 -1.85 5.97 4.87
CA LYS A 56 -0.40 6.12 4.92
C LYS A 56 0.06 7.31 4.10
N ARG A 57 -0.79 7.77 3.19
CA ARG A 57 -0.46 8.91 2.34
C ARG A 57 -1.70 9.76 2.04
N MET A 58 -2.51 10.02 3.06
CA MET A 58 -3.71 10.84 2.88
C MET A 58 -3.33 12.26 2.44
N ARG A 59 -2.82 12.37 1.22
CA ARG A 59 -2.41 13.66 0.67
C ARG A 59 -3.62 14.51 0.31
N SER A 60 -4.47 13.98 -0.56
CA SER A 60 -5.68 14.65 -1.01
C SER A 60 -5.49 16.17 -1.16
N LYS A 61 -5.72 16.91 -0.09
CA LYS A 61 -5.58 18.37 -0.11
C LYS A 61 -6.42 18.98 -1.23
N LYS A 1 -2.64 6.49 17.12
CA LYS A 1 -3.30 7.54 17.94
C LYS A 1 -3.12 7.29 19.42
N LYS A 2 -1.85 7.24 19.85
CA LYS A 2 -1.53 7.01 21.25
C LYS A 2 -2.07 5.66 21.72
N GLU A 3 -2.08 4.69 20.82
CA GLU A 3 -2.57 3.35 21.14
C GLU A 3 -2.02 2.32 20.17
N LYS A 4 -2.51 2.35 18.93
CA LYS A 4 -2.07 1.41 17.90
C LYS A 4 -2.36 -0.03 18.32
N SER A 5 -3.39 -0.62 17.72
CA SER A 5 -3.77 -1.98 18.03
C SER A 5 -4.97 -2.43 17.18
N PRO A 6 -6.11 -1.74 17.32
CA PRO A 6 -7.33 -2.08 16.56
C PRO A 6 -7.17 -1.80 15.07
N LYS A 7 -8.29 -1.79 14.35
CA LYS A 7 -8.28 -1.53 12.91
C LYS A 7 -7.62 -2.68 12.16
N GLY A 8 -8.44 -3.65 11.76
CA GLY A 8 -7.91 -4.79 11.02
C GLY A 8 -7.13 -5.75 11.90
N LYS A 9 -7.05 -7.01 11.48
CA LYS A 9 -6.33 -8.02 12.24
C LYS A 9 -5.48 -8.90 11.32
N SER A 10 -4.45 -9.51 11.88
CA SER A 10 -3.57 -10.38 11.11
C SER A 10 -2.93 -9.61 9.96
N SER A 11 -2.43 -8.41 10.25
CA SER A 11 -1.79 -7.58 9.24
C SER A 11 -0.55 -8.25 8.69
N ILE A 12 -0.06 -7.74 7.56
CA ILE A 12 1.14 -8.30 6.93
C ILE A 12 2.35 -8.18 7.84
N SER A 13 3.42 -8.89 7.49
CA SER A 13 4.65 -8.87 8.27
C SER A 13 5.13 -7.42 8.46
N PRO A 14 6.29 -7.20 9.09
CA PRO A 14 6.81 -5.83 9.29
C PRO A 14 6.82 -5.06 7.98
N GLN A 15 6.87 -5.80 6.88
CA GLN A 15 6.86 -5.21 5.54
C GLN A 15 5.73 -4.21 5.40
N ALA A 16 4.67 -4.38 6.18
CA ALA A 16 3.55 -3.45 6.13
C ALA A 16 4.05 -2.02 6.02
N ARG A 17 4.82 -1.62 7.04
CA ARG A 17 5.39 -0.28 7.08
C ARG A 17 6.68 -0.23 6.24
N ALA A 18 7.41 -1.35 6.23
CA ALA A 18 8.66 -1.43 5.49
C ALA A 18 8.43 -1.30 3.99
N PHE A 19 7.61 -2.19 3.44
CA PHE A 19 7.31 -2.16 2.02
C PHE A 19 6.71 -0.81 1.65
N LEU A 20 5.77 -0.34 2.47
CA LEU A 20 5.14 0.95 2.23
C LEU A 20 6.15 2.07 2.43
N GLU A 21 7.04 1.88 3.40
CA GLU A 21 8.08 2.86 3.68
C GLU A 21 8.79 3.24 2.39
N GLN A 22 9.50 2.27 1.83
CA GLN A 22 10.22 2.48 0.58
C GLN A 22 9.26 2.90 -0.53
N VAL A 23 8.04 2.37 -0.49
CA VAL A 23 7.03 2.71 -1.48
C VAL A 23 6.76 4.22 -1.48
N PHE A 24 6.34 4.73 -0.32
CA PHE A 24 6.07 6.15 -0.16
C PHE A 24 7.34 6.98 -0.22
N ARG A 25 8.49 6.31 -0.12
CA ARG A 25 9.78 6.99 -0.16
C ARG A 25 10.23 7.22 -1.60
N ARG A 26 9.96 6.24 -2.46
CA ARG A 26 10.34 6.33 -3.86
C ARG A 26 9.63 7.50 -4.54
N LYS A 27 8.39 7.72 -4.14
CA LYS A 27 7.59 8.81 -4.69
C LYS A 27 6.43 9.15 -3.75
N GLN A 28 5.45 9.89 -4.26
CA GLN A 28 4.30 10.29 -3.47
C GLN A 28 3.00 10.18 -4.26
N SER A 29 3.09 10.16 -5.57
CA SER A 29 1.92 10.08 -6.43
C SER A 29 1.67 8.69 -7.00
N LEU A 30 1.20 7.78 -6.16
CA LEU A 30 0.92 6.42 -6.59
C LEU A 30 -0.33 6.40 -7.47
N ASN A 31 -0.13 6.40 -8.79
CA ASN A 31 -1.26 6.38 -9.71
C ASN A 31 -1.66 4.95 -10.01
N SER A 32 -2.78 4.77 -10.72
CA SER A 32 -3.28 3.45 -11.08
C SER A 32 -2.13 2.56 -11.57
N LYS A 33 -1.15 3.19 -12.20
CA LYS A 33 0.01 2.47 -12.71
C LYS A 33 0.98 2.14 -11.60
N GLU A 34 1.32 3.13 -10.79
CA GLU A 34 2.24 2.95 -9.69
C GLU A 34 1.59 2.09 -8.62
N LYS A 35 0.33 2.35 -8.35
CA LYS A 35 -0.41 1.59 -7.37
C LYS A 35 -0.39 0.11 -7.71
N GLU A 36 -0.43 -0.19 -9.01
CA GLU A 36 -0.42 -1.57 -9.48
C GLU A 36 1.02 -2.05 -9.69
N GLU A 37 1.87 -1.16 -10.18
CA GLU A 37 3.26 -1.46 -10.43
C GLU A 37 4.04 -1.55 -9.11
N VAL A 38 3.65 -0.71 -8.17
CA VAL A 38 4.27 -0.66 -6.85
C VAL A 38 3.73 -1.79 -5.98
N ALA A 39 2.44 -2.06 -6.10
CA ALA A 39 1.80 -3.12 -5.32
C ALA A 39 2.40 -4.48 -5.65
N LYS A 40 2.77 -4.68 -6.90
CA LYS A 40 3.34 -5.95 -7.35
C LYS A 40 4.86 -6.00 -7.18
N LYS A 41 5.49 -4.83 -7.06
CA LYS A 41 6.94 -4.78 -6.91
C LYS A 41 7.36 -4.52 -5.47
N CYS A 42 6.47 -3.88 -4.71
CA CYS A 42 6.77 -3.57 -3.31
C CYS A 42 6.07 -4.54 -2.37
N GLY A 43 4.94 -5.09 -2.79
CA GLY A 43 4.23 -6.06 -1.97
C GLY A 43 2.83 -5.62 -1.57
N ILE A 44 2.23 -4.73 -2.35
CA ILE A 44 0.88 -4.26 -2.06
C ILE A 44 -0.09 -4.79 -3.12
N THR A 45 -1.27 -4.19 -3.21
CA THR A 45 -2.26 -4.63 -4.19
C THR A 45 -3.16 -3.46 -4.62
N PRO A 46 -3.73 -3.53 -5.82
CA PRO A 46 -4.62 -2.48 -6.35
C PRO A 46 -5.67 -2.05 -5.34
N LEU A 47 -6.03 -2.96 -4.44
CA LEU A 47 -7.02 -2.69 -3.41
C LEU A 47 -6.35 -2.10 -2.17
N GLN A 48 -5.10 -2.47 -1.94
CA GLN A 48 -4.36 -1.97 -0.80
C GLN A 48 -3.82 -0.60 -1.11
N VAL A 49 -3.01 -0.51 -2.16
CA VAL A 49 -2.42 0.76 -2.59
C VAL A 49 -3.36 1.93 -2.36
N ARG A 50 -4.65 1.73 -2.62
CA ARG A 50 -5.63 2.79 -2.41
C ARG A 50 -5.87 3.02 -0.92
N VAL A 51 -6.34 1.99 -0.22
CA VAL A 51 -6.61 2.11 1.22
C VAL A 51 -5.31 2.34 1.99
N TRP A 52 -4.29 1.58 1.63
CA TRP A 52 -2.99 1.65 2.27
C TRP A 52 -2.35 3.03 2.10
N PHE A 53 -2.29 3.51 0.86
CA PHE A 53 -1.72 4.83 0.60
C PHE A 53 -2.63 5.94 1.12
N ILE A 54 -3.90 5.62 1.33
CA ILE A 54 -4.84 6.61 1.83
C ILE A 54 -4.37 7.14 3.20
N ASN A 55 -4.38 6.27 4.20
CA ASN A 55 -3.95 6.65 5.54
C ASN A 55 -2.46 6.98 5.58
N LYS A 56 -1.66 6.21 4.85
CA LYS A 56 -0.22 6.42 4.81
C LYS A 56 0.12 7.70 4.04
N ARG A 57 -0.33 7.76 2.80
CA ARG A 57 -0.07 8.92 1.95
C ARG A 57 -1.26 9.87 1.91
N MET A 58 -1.98 9.96 3.03
CA MET A 58 -3.14 10.85 3.11
C MET A 58 -2.77 12.26 2.68
N ARG A 59 -2.85 12.52 1.38
CA ARG A 59 -2.51 13.82 0.83
C ARG A 59 -3.59 14.84 1.14
N SER A 60 -4.84 14.40 1.09
CA SER A 60 -5.97 15.28 1.36
C SER A 60 -7.00 14.59 2.25
N LYS A 61 -8.18 15.19 2.36
CA LYS A 61 -9.26 14.64 3.18
C LYS A 61 -10.04 13.58 2.40
N LYS A 1 0.79 -20.15 -8.44
CA LYS A 1 0.32 -21.44 -9.00
C LYS A 1 -1.12 -21.73 -8.59
N LYS A 2 -1.89 -20.67 -8.36
CA LYS A 2 -3.29 -20.81 -7.96
C LYS A 2 -3.41 -21.61 -6.67
N GLU A 3 -3.25 -20.94 -5.54
CA GLU A 3 -3.33 -21.59 -4.24
C GLU A 3 -4.25 -20.80 -3.30
N LYS A 4 -3.88 -19.56 -3.02
CA LYS A 4 -4.66 -18.71 -2.14
C LYS A 4 -4.99 -17.37 -2.81
N SER A 5 -4.01 -16.81 -3.51
CA SER A 5 -4.18 -15.53 -4.19
C SER A 5 -4.33 -14.39 -3.19
N PRO A 6 -3.95 -13.16 -3.59
CA PRO A 6 -4.03 -11.99 -2.72
C PRO A 6 -5.47 -11.54 -2.47
N LYS A 7 -6.24 -12.39 -1.81
CA LYS A 7 -7.63 -12.09 -1.52
C LYS A 7 -7.85 -11.90 -0.02
N GLY A 8 -7.12 -12.67 0.78
CA GLY A 8 -7.24 -12.56 2.23
C GLY A 8 -6.34 -11.49 2.80
N LYS A 9 -5.06 -11.81 2.95
CA LYS A 9 -4.09 -10.87 3.50
C LYS A 9 -4.47 -10.46 4.91
N SER A 10 -4.26 -11.36 5.86
CA SER A 10 -4.59 -11.09 7.26
C SER A 10 -3.59 -10.11 7.86
N SER A 11 -2.31 -10.47 7.80
CA SER A 11 -1.24 -9.63 8.34
C SER A 11 0.10 -10.00 7.73
N ILE A 12 0.91 -8.99 7.41
CA ILE A 12 2.21 -9.24 6.82
C ILE A 12 3.33 -8.93 7.81
N SER A 13 4.54 -9.42 7.50
CA SER A 13 5.71 -9.19 8.34
C SER A 13 5.92 -7.70 8.55
N PRO A 14 7.03 -7.27 9.20
CA PRO A 14 7.29 -5.85 9.41
C PRO A 14 7.24 -5.08 8.10
N GLN A 15 7.42 -5.82 6.99
CA GLN A 15 7.38 -5.25 5.65
C GLN A 15 6.12 -4.42 5.46
N ALA A 16 5.08 -4.68 6.25
CA ALA A 16 3.84 -3.91 6.13
C ALA A 16 4.16 -2.42 6.02
N ARG A 17 4.85 -1.91 7.04
CA ARG A 17 5.25 -0.52 7.07
C ARG A 17 6.51 -0.30 6.24
N ALA A 18 7.42 -1.27 6.26
CA ALA A 18 8.66 -1.19 5.52
C ALA A 18 8.41 -1.14 4.02
N PHE A 19 7.61 -2.07 3.54
CA PHE A 19 7.27 -2.16 2.13
C PHE A 19 6.65 -0.85 1.65
N LEU A 20 5.69 -0.34 2.40
CA LEU A 20 5.05 0.92 2.04
C LEU A 20 5.98 2.09 2.34
N GLU A 21 6.87 1.90 3.32
CA GLU A 21 7.82 2.93 3.69
C GLU A 21 8.62 3.33 2.45
N GLN A 22 9.30 2.35 1.87
CA GLN A 22 10.09 2.59 0.66
C GLN A 22 9.16 3.01 -0.48
N VAL A 23 7.94 2.49 -0.48
CA VAL A 23 6.96 2.83 -1.51
C VAL A 23 6.73 4.34 -1.53
N PHE A 24 6.29 4.88 -0.40
CA PHE A 24 6.04 6.31 -0.28
C PHE A 24 7.36 7.08 -0.30
N ARG A 25 8.47 6.36 -0.15
CA ARG A 25 9.79 6.97 -0.17
C ARG A 25 10.28 7.16 -1.59
N ARG A 26 9.94 6.21 -2.46
CA ARG A 26 10.33 6.27 -3.86
C ARG A 26 9.76 7.51 -4.51
N LYS A 27 8.53 7.84 -4.14
CA LYS A 27 7.85 9.02 -4.67
C LYS A 27 6.63 9.35 -3.80
N GLN A 28 5.59 9.92 -4.41
CA GLN A 28 4.39 10.30 -3.67
C GLN A 28 3.13 10.09 -4.49
N SER A 29 3.15 10.59 -5.72
CA SER A 29 1.99 10.50 -6.60
C SER A 29 1.85 9.12 -7.23
N LEU A 30 1.51 8.12 -6.42
CA LEU A 30 1.31 6.77 -6.92
C LEU A 30 -0.03 6.69 -7.64
N ASN A 31 0.00 6.55 -8.97
CA ASN A 31 -1.22 6.48 -9.76
C ASN A 31 -1.64 5.02 -10.01
N SER A 32 -2.78 4.84 -10.66
CA SER A 32 -3.30 3.51 -10.97
C SER A 32 -2.21 2.59 -11.50
N LYS A 33 -1.23 3.17 -12.17
CA LYS A 33 -0.13 2.41 -12.73
C LYS A 33 0.90 2.07 -11.65
N GLU A 34 1.23 3.06 -10.84
CA GLU A 34 2.17 2.87 -9.77
C GLU A 34 1.54 2.05 -8.66
N LYS A 35 0.26 2.27 -8.43
CA LYS A 35 -0.47 1.54 -7.41
C LYS A 35 -0.46 0.04 -7.75
N GLU A 36 -0.51 -0.27 -9.03
CA GLU A 36 -0.50 -1.65 -9.49
C GLU A 36 0.93 -2.12 -9.70
N GLU A 37 1.78 -1.22 -10.19
CA GLU A 37 3.18 -1.53 -10.45
C GLU A 37 3.95 -1.60 -9.14
N VAL A 38 3.59 -0.74 -8.20
CA VAL A 38 4.25 -0.69 -6.89
C VAL A 38 3.73 -1.81 -6.00
N ALA A 39 2.43 -2.08 -6.10
CA ALA A 39 1.81 -3.12 -5.30
C ALA A 39 2.40 -4.50 -5.61
N LYS A 40 2.81 -4.69 -6.87
CA LYS A 40 3.37 -5.97 -7.29
C LYS A 40 4.89 -6.04 -7.06
N LYS A 41 5.53 -4.90 -6.94
CA LYS A 41 6.99 -4.86 -6.75
C LYS A 41 7.35 -4.56 -5.30
N CYS A 42 6.47 -3.89 -4.59
CA CYS A 42 6.72 -3.54 -3.20
C CYS A 42 6.03 -4.51 -2.24
N GLY A 43 4.92 -5.11 -2.69
CA GLY A 43 4.23 -6.06 -1.85
C GLY A 43 2.82 -5.62 -1.47
N ILE A 44 2.21 -4.78 -2.29
CA ILE A 44 0.86 -4.30 -2.02
C ILE A 44 -0.10 -4.85 -3.08
N THR A 45 -1.29 -4.24 -3.17
CA THR A 45 -2.28 -4.68 -4.15
C THR A 45 -3.16 -3.50 -4.60
N PRO A 46 -3.77 -3.61 -5.79
CA PRO A 46 -4.64 -2.56 -6.33
C PRO A 46 -5.70 -2.10 -5.32
N LEU A 47 -6.02 -2.99 -4.38
CA LEU A 47 -7.01 -2.69 -3.36
C LEU A 47 -6.34 -2.06 -2.13
N GLN A 48 -5.09 -2.41 -1.90
CA GLN A 48 -4.34 -1.88 -0.78
C GLN A 48 -3.81 -0.49 -1.13
N VAL A 49 -3.02 -0.43 -2.19
CA VAL A 49 -2.43 0.81 -2.66
C VAL A 49 -3.38 2.01 -2.50
N ARG A 50 -4.68 1.76 -2.60
CA ARG A 50 -5.65 2.83 -2.45
C ARG A 50 -5.99 3.08 -0.98
N VAL A 51 -6.32 2.01 -0.25
CA VAL A 51 -6.65 2.14 1.17
C VAL A 51 -5.38 2.33 2.00
N TRP A 52 -4.36 1.56 1.66
CA TRP A 52 -3.09 1.62 2.34
C TRP A 52 -2.43 2.99 2.17
N PHE A 53 -2.33 3.46 0.93
CA PHE A 53 -1.73 4.77 0.65
C PHE A 53 -2.63 5.89 1.18
N ILE A 54 -3.90 5.59 1.41
CA ILE A 54 -4.83 6.59 1.90
C ILE A 54 -4.43 7.11 3.29
N ASN A 55 -4.35 6.19 4.25
CA ASN A 55 -3.97 6.54 5.61
C ASN A 55 -2.48 6.80 5.72
N LYS A 56 -1.69 6.15 4.86
CA LYS A 56 -0.25 6.31 4.88
C LYS A 56 0.19 7.52 4.06
N ARG A 57 -0.56 7.82 3.01
CA ARG A 57 -0.26 8.95 2.14
C ARG A 57 -1.49 9.84 1.96
N MET A 58 -2.27 10.02 3.01
CA MET A 58 -3.46 10.86 2.96
C MET A 58 -3.11 12.26 2.47
N ARG A 59 -3.06 12.44 1.15
CA ARG A 59 -2.74 13.73 0.56
C ARG A 59 -3.98 14.60 0.43
N SER A 60 -5.02 14.03 -0.18
CA SER A 60 -6.28 14.76 -0.37
C SER A 60 -6.81 15.31 0.94
N LYS A 61 -6.67 16.62 1.12
CA LYS A 61 -7.14 17.28 2.34
C LYS A 61 -8.65 17.45 2.32
N LYS A 1 -10.62 -21.18 3.14
CA LYS A 1 -10.30 -19.73 3.19
C LYS A 1 -8.94 -19.48 3.83
N LYS A 2 -8.20 -18.52 3.27
CA LYS A 2 -6.87 -18.19 3.78
C LYS A 2 -6.98 -17.32 5.03
N GLU A 3 -6.36 -17.76 6.12
CA GLU A 3 -6.37 -17.04 7.38
C GLU A 3 -7.76 -16.49 7.70
N LYS A 4 -8.52 -17.25 8.48
CA LYS A 4 -9.87 -16.85 8.85
C LYS A 4 -9.87 -15.90 10.05
N SER A 5 -8.85 -16.05 10.90
CA SER A 5 -8.74 -15.21 12.10
C SER A 5 -8.81 -13.72 11.73
N PRO A 6 -7.97 -13.26 10.79
CA PRO A 6 -7.95 -11.86 10.36
C PRO A 6 -9.27 -11.46 9.68
N LYS A 7 -9.96 -12.44 9.11
CA LYS A 7 -11.22 -12.19 8.42
C LYS A 7 -11.00 -11.31 7.19
N GLY A 8 -10.55 -11.93 6.11
CA GLY A 8 -10.31 -11.20 4.89
C GLY A 8 -8.92 -11.44 4.32
N LYS A 9 -8.09 -10.41 4.32
CA LYS A 9 -6.73 -10.52 3.81
C LYS A 9 -5.91 -9.29 4.21
N SER A 10 -5.63 -9.16 5.49
CA SER A 10 -4.84 -8.04 5.99
C SER A 10 -3.78 -8.51 6.98
N SER A 11 -3.15 -7.56 7.67
CA SER A 11 -2.11 -7.88 8.64
C SER A 11 -0.93 -8.58 7.97
N ILE A 12 0.22 -7.91 7.97
CA ILE A 12 1.43 -8.46 7.37
C ILE A 12 2.65 -8.25 8.26
N SER A 13 3.75 -8.92 7.92
CA SER A 13 4.99 -8.81 8.69
C SER A 13 5.39 -7.33 8.81
N PRO A 14 6.56 -7.01 9.40
CA PRO A 14 7.01 -5.63 9.54
C PRO A 14 7.00 -4.92 8.18
N GLN A 15 7.06 -5.72 7.13
CA GLN A 15 7.05 -5.19 5.77
C GLN A 15 5.86 -4.26 5.56
N ALA A 16 4.82 -4.41 6.36
CA ALA A 16 3.65 -3.54 6.24
C ALA A 16 4.09 -2.09 6.12
N ARG A 17 4.84 -1.63 7.11
CA ARG A 17 5.35 -0.27 7.13
C ARG A 17 6.61 -0.16 6.26
N ALA A 18 7.42 -1.21 6.27
CA ALA A 18 8.66 -1.24 5.49
C ALA A 18 8.37 -1.21 3.99
N PHE A 19 7.55 -2.13 3.53
CA PHE A 19 7.19 -2.23 2.13
C PHE A 19 6.62 -0.91 1.63
N LEU A 20 5.70 -0.34 2.40
CA LEU A 20 5.11 0.94 2.00
C LEU A 20 6.08 2.09 2.30
N GLU A 21 6.96 1.87 3.27
CA GLU A 21 7.94 2.88 3.62
C GLU A 21 8.74 3.25 2.39
N GLN A 22 9.34 2.25 1.77
CA GLN A 22 10.11 2.44 0.55
C GLN A 22 9.19 2.88 -0.59
N VAL A 23 7.97 2.36 -0.57
CA VAL A 23 6.98 2.71 -1.59
C VAL A 23 6.81 4.23 -1.65
N PHE A 24 6.40 4.80 -0.52
CA PHE A 24 6.22 6.25 -0.42
C PHE A 24 7.56 6.96 -0.42
N ARG A 25 8.64 6.20 -0.28
CA ARG A 25 9.99 6.76 -0.27
C ARG A 25 10.44 7.10 -1.69
N ARG A 26 10.14 6.19 -2.62
CA ARG A 26 10.52 6.37 -4.00
C ARG A 26 9.87 7.63 -4.59
N LYS A 27 8.59 7.81 -4.30
CA LYS A 27 7.85 8.98 -4.77
C LYS A 27 6.69 9.28 -3.82
N GLN A 28 5.67 9.95 -4.33
CA GLN A 28 4.52 10.31 -3.49
C GLN A 28 3.21 10.14 -4.25
N SER A 29 3.17 10.67 -5.46
CA SER A 29 1.96 10.60 -6.27
C SER A 29 1.82 9.27 -7.02
N LEU A 30 1.39 8.23 -6.29
CA LEU A 30 1.19 6.91 -6.90
C LEU A 30 -0.14 6.88 -7.63
N ASN A 31 -0.10 6.51 -8.92
CA ASN A 31 -1.32 6.44 -9.72
C ASN A 31 -1.74 4.99 -9.93
N SER A 32 -2.81 4.79 -10.70
CA SER A 32 -3.32 3.44 -10.98
C SER A 32 -2.20 2.57 -11.53
N LYS A 33 -1.21 3.20 -12.15
CA LYS A 33 -0.08 2.51 -12.72
C LYS A 33 0.93 2.15 -11.63
N GLU A 34 1.26 3.12 -10.80
CA GLU A 34 2.20 2.90 -9.71
C GLU A 34 1.54 2.06 -8.63
N LYS A 35 0.26 2.28 -8.42
CA LYS A 35 -0.48 1.52 -7.43
C LYS A 35 -0.45 0.04 -7.77
N GLU A 36 -0.48 -0.25 -9.07
CA GLU A 36 -0.46 -1.63 -9.55
C GLU A 36 0.98 -2.09 -9.75
N GLU A 37 1.82 -1.18 -10.24
CA GLU A 37 3.22 -1.48 -10.50
C GLU A 37 4.01 -1.56 -9.19
N VAL A 38 3.63 -0.73 -8.24
CA VAL A 38 4.27 -0.68 -6.93
C VAL A 38 3.76 -1.82 -6.04
N ALA A 39 2.45 -2.08 -6.13
CA ALA A 39 1.83 -3.12 -5.32
C ALA A 39 2.41 -4.50 -5.64
N LYS A 40 2.83 -4.71 -6.88
CA LYS A 40 3.38 -5.99 -7.30
C LYS A 40 4.88 -6.11 -7.05
N LYS A 41 5.56 -4.98 -6.92
CA LYS A 41 7.00 -4.98 -6.69
C LYS A 41 7.35 -4.66 -5.24
N CYS A 42 6.47 -3.93 -4.58
CA CYS A 42 6.70 -3.56 -3.19
C CYS A 42 6.00 -4.52 -2.23
N GLY A 43 4.90 -5.12 -2.69
CA GLY A 43 4.19 -6.06 -1.84
C GLY A 43 2.78 -5.61 -1.49
N ILE A 44 2.21 -4.72 -2.28
CA ILE A 44 0.86 -4.24 -2.04
C ILE A 44 -0.10 -4.80 -3.09
N THR A 45 -1.27 -4.18 -3.23
CA THR A 45 -2.25 -4.63 -4.21
C THR A 45 -3.16 -3.48 -4.63
N PRO A 46 -3.76 -3.56 -5.85
CA PRO A 46 -4.65 -2.53 -6.37
C PRO A 46 -5.70 -2.09 -5.34
N LEU A 47 -6.04 -3.01 -4.43
CA LEU A 47 -7.02 -2.73 -3.40
C LEU A 47 -6.35 -2.14 -2.16
N GLN A 48 -5.08 -2.48 -1.96
CA GLN A 48 -4.33 -1.98 -0.84
C GLN A 48 -3.79 -0.60 -1.16
N VAL A 49 -3.01 -0.51 -2.22
CA VAL A 49 -2.42 0.75 -2.67
C VAL A 49 -3.35 1.93 -2.45
N ARG A 50 -4.66 1.70 -2.57
CA ARG A 50 -5.63 2.77 -2.37
C ARG A 50 -5.93 2.95 -0.88
N VAL A 51 -6.30 1.88 -0.20
CA VAL A 51 -6.60 1.96 1.23
C VAL A 51 -5.33 2.19 2.04
N TRP A 52 -4.28 1.48 1.66
CA TRP A 52 -2.99 1.58 2.32
C TRP A 52 -2.40 2.99 2.15
N PHE A 53 -2.29 3.45 0.90
CA PHE A 53 -1.77 4.78 0.65
C PHE A 53 -2.72 5.86 1.17
N ILE A 54 -3.95 5.47 1.50
CA ILE A 54 -4.92 6.43 2.01
C ILE A 54 -4.50 6.93 3.39
N ASN A 55 -4.31 6.00 4.32
CA ASN A 55 -3.90 6.34 5.68
C ASN A 55 -2.44 6.76 5.71
N LYS A 56 -1.64 6.20 4.82
CA LYS A 56 -0.22 6.51 4.75
C LYS A 56 0.02 7.80 3.96
N ARG A 57 -0.70 7.94 2.85
CA ARG A 57 -0.58 9.11 2.00
C ARG A 57 -1.89 9.89 1.93
N MET A 58 -2.58 9.98 3.06
CA MET A 58 -3.85 10.71 3.12
C MET A 58 -3.68 12.15 2.61
N ARG A 59 -3.77 12.32 1.30
CA ARG A 59 -3.62 13.64 0.70
C ARG A 59 -4.97 14.34 0.60
N SER A 60 -5.89 13.75 -0.15
CA SER A 60 -7.22 14.31 -0.33
C SER A 60 -8.27 13.48 0.41
N LYS A 61 -8.45 13.77 1.69
CA LYS A 61 -9.41 13.05 2.52
C LYS A 61 -9.35 11.54 2.27
#